data_2MS5
# 
_entry.id   2MS5 
# 
_audit_conform.dict_name       mmcif_pdbx.dic 
_audit_conform.dict_version    5.392 
_audit_conform.dict_location   http://mmcif.pdb.org/dictionaries/ascii/mmcif_pdbx.dic 
# 
loop_
_database_2.database_id 
_database_2.database_code 
_database_2.pdbx_database_accession 
_database_2.pdbx_DOI 
PDB   2MS5         pdb_00002ms5 10.2210/pdb2ms5/pdb 
RCSB  RCSB103986   ?            ?                   
BMRB  25106        ?            10.13018/BMR25106   
WWPDB D_1000103986 ?            ?                   
# 
loop_
_pdbx_audit_revision_history.ordinal 
_pdbx_audit_revision_history.data_content_type 
_pdbx_audit_revision_history.major_revision 
_pdbx_audit_revision_history.minor_revision 
_pdbx_audit_revision_history.revision_date 
1 'Structure model' 1 0 2015-01-28 
2 'Structure model' 1 1 2015-07-15 
3 'Structure model' 1 2 2023-06-14 
4 'Structure model' 1 3 2024-05-15 
# 
_pdbx_audit_revision_details.ordinal             1 
_pdbx_audit_revision_details.revision_ordinal    1 
_pdbx_audit_revision_details.data_content_type   'Structure model' 
_pdbx_audit_revision_details.provider            repository 
_pdbx_audit_revision_details.type                'Initial release' 
_pdbx_audit_revision_details.description         ? 
_pdbx_audit_revision_details.details             ? 
# 
loop_
_pdbx_audit_revision_group.ordinal 
_pdbx_audit_revision_group.revision_ordinal 
_pdbx_audit_revision_group.data_content_type 
_pdbx_audit_revision_group.group 
1 2 'Structure model' 'Database references' 
2 3 'Structure model' 'Data collection'     
3 3 'Structure model' 'Database references' 
4 3 'Structure model' Other                 
5 4 'Structure model' 'Data collection'     
6 4 'Structure model' 'Database references' 
# 
loop_
_pdbx_audit_revision_category.ordinal 
_pdbx_audit_revision_category.revision_ordinal 
_pdbx_audit_revision_category.data_content_type 
_pdbx_audit_revision_category.category 
1 3 'Structure model' database_2            
2 3 'Structure model' pdbx_database_status  
3 3 'Structure model' pdbx_nmr_software     
4 3 'Structure model' pdbx_nmr_spectrometer 
5 4 'Structure model' chem_comp_atom        
6 4 'Structure model' chem_comp_bond        
7 4 'Structure model' database_2            
# 
loop_
_pdbx_audit_revision_item.ordinal 
_pdbx_audit_revision_item.revision_ordinal 
_pdbx_audit_revision_item.data_content_type 
_pdbx_audit_revision_item.item 
1 3 'Structure model' '_database_2.pdbx_DOI'                       
2 3 'Structure model' '_database_2.pdbx_database_accession'        
3 3 'Structure model' '_pdbx_database_status.status_code_nmr_data' 
4 3 'Structure model' '_pdbx_nmr_software.name'                    
5 3 'Structure model' '_pdbx_nmr_spectrometer.model'               
6 4 'Structure model' '_database_2.pdbx_DOI'                       
# 
_pdbx_database_status.deposit_site                    BMRB 
_pdbx_database_status.entry_id                        2MS5 
_pdbx_database_status.methods_development_category    ? 
_pdbx_database_status.process_site                    PDBJ 
_pdbx_database_status.recvd_initial_deposition_date   2014-07-23 
_pdbx_database_status.SG_entry                        ? 
_pdbx_database_status.status_code                     REL 
_pdbx_database_status.status_code_mr                  REL 
_pdbx_database_status.status_code_sf                  ? 
_pdbx_database_status.status_code_cs                  REL 
_pdbx_database_status.pdb_format_compatible           Y 
_pdbx_database_status.status_code_nmr_data            REL 
# 
loop_
_pdbx_database_related.content_type 
_pdbx_database_related.db_id 
_pdbx_database_related.db_name 
_pdbx_database_related.details 
unspecified 3NJ6  PDB  '0.95 A resolution X-ray structure of (GGCAGCAGCC)2' 
unspecified 3NJ7  PDB  '1.9 A resolution X-ray structure of (GGCAGCAGCC)2'  
unspecified 4J50  PDB  'Crystal Structure of an Expanded RNA CAG Repeat'    
unspecified 25106 BMRB .                                                    
# 
loop_
_audit_author.name 
_audit_author.pdbx_ordinal 
'Kumar, A.'  1 
'Tawani, A.' 2 
# 
_citation.id                        primary 
_citation.title                     
;Structural Insights Reveal the Dynamics of the Repeating r(CAG) Transcript Found in Huntington's Disease (HD) and Spinocerebellar Ataxias (SCAs)
;
_citation.journal_abbrev            'Plos One' 
_citation.journal_volume            10 
_citation.page_first                e0131788 
_citation.page_last                 e0131788 
_citation.year                      2015 
_citation.journal_id_ASTM           ? 
_citation.country                   US 
_citation.journal_id_ISSN           1932-6203 
_citation.journal_id_CSD            ? 
_citation.book_publisher            ? 
_citation.pdbx_database_id_PubMed   26148061 
_citation.pdbx_database_id_DOI      10.1371/journal.pone.0131788 
# 
loop_
_citation_author.citation_id 
_citation_author.name 
_citation_author.ordinal 
_citation_author.identifier_ORCID 
primary 'Tawani, A.' 1 ? 
primary 'Kumar, A.'  2 ? 
# 
_entity.id                         1 
_entity.type                       polymer 
_entity.src_method                 syn 
_entity.pdbx_description           "RNA_(5'-R(P*CP*CP*GP*CP*AP*GP*CP*GP*G)-3')" 
_entity.formula_weight             2885.799 
_entity.pdbx_number_of_molecules   2 
_entity.pdbx_ec                    ? 
_entity.pdbx_mutation              ? 
_entity.pdbx_fragment              ? 
_entity.details                    ? 
# 
_entity_poly.entity_id                      1 
_entity_poly.type                           polyribonucleotide 
_entity_poly.nstd_linkage                   no 
_entity_poly.nstd_monomer                   no 
_entity_poly.pdbx_seq_one_letter_code       CCGCAGCGG 
_entity_poly.pdbx_seq_one_letter_code_can   CCGCAGCGG 
_entity_poly.pdbx_strand_id                 S,A 
_entity_poly.pdbx_target_identifier         ? 
# 
loop_
_entity_poly_seq.entity_id 
_entity_poly_seq.num 
_entity_poly_seq.mon_id 
_entity_poly_seq.hetero 
1 1 C n 
1 2 C n 
1 3 G n 
1 4 C n 
1 5 A n 
1 6 G n 
1 7 C n 
1 8 G n 
1 9 G n 
# 
loop_
_chem_comp.id 
_chem_comp.type 
_chem_comp.mon_nstd_flag 
_chem_comp.name 
_chem_comp.pdbx_synonyms 
_chem_comp.formula 
_chem_comp.formula_weight 
A 'RNA linking' y "ADENOSINE-5'-MONOPHOSPHATE" ? 'C10 H14 N5 O7 P' 347.221 
C 'RNA linking' y "CYTIDINE-5'-MONOPHOSPHATE"  ? 'C9 H14 N3 O8 P'  323.197 
G 'RNA linking' y "GUANOSINE-5'-MONOPHOSPHATE" ? 'C10 H14 N5 O8 P' 363.221 
# 
loop_
_pdbx_poly_seq_scheme.asym_id 
_pdbx_poly_seq_scheme.entity_id 
_pdbx_poly_seq_scheme.seq_id 
_pdbx_poly_seq_scheme.mon_id 
_pdbx_poly_seq_scheme.ndb_seq_num 
_pdbx_poly_seq_scheme.pdb_seq_num 
_pdbx_poly_seq_scheme.auth_seq_num 
_pdbx_poly_seq_scheme.pdb_mon_id 
_pdbx_poly_seq_scheme.auth_mon_id 
_pdbx_poly_seq_scheme.pdb_strand_id 
_pdbx_poly_seq_scheme.pdb_ins_code 
_pdbx_poly_seq_scheme.hetero 
A 1 1 C 1 1 1 C C S . n 
A 1 2 C 2 2 2 C C S . n 
A 1 3 G 3 3 3 G G S . n 
A 1 4 C 4 4 4 C C S . n 
A 1 5 A 5 5 5 A A S . n 
A 1 6 G 6 6 6 G G S . n 
A 1 7 C 7 7 7 C C S . n 
A 1 8 G 8 8 8 G G S . n 
A 1 9 G 9 9 9 G G S . n 
B 1 1 C 1 1 1 C C A . n 
B 1 2 C 2 2 2 C C A . n 
B 1 3 G 3 3 3 G G A . n 
B 1 4 C 4 4 4 C C A . n 
B 1 5 A 5 5 5 A A A . n 
B 1 6 G 6 6 6 G G A . n 
B 1 7 C 7 7 7 C C A . n 
B 1 8 G 8 8 8 G G A . n 
B 1 9 G 9 9 9 G G A . n 
# 
_exptl.absorpt_coefficient_mu     ? 
_exptl.absorpt_correction_T_max   ? 
_exptl.absorpt_correction_T_min   ? 
_exptl.absorpt_correction_type    ? 
_exptl.absorpt_process_details    ? 
_exptl.crystals_number            ? 
_exptl.details                    ? 
_exptl.entry_id                   2MS5 
_exptl.method                     'SOLUTION NMR' 
_exptl.method_details             ? 
# 
_struct.entry_id                  2MS5 
_struct.title                     'Structural dynamics of double-helical RNA having CAG motif' 
_struct.pdbx_model_details        'lowest energy, model1' 
_struct.pdbx_CASP_flag            ? 
_struct.pdbx_model_type_details   ? 
# 
_struct_keywords.entry_id        2MS5 
_struct_keywords.pdbx_keywords   RNA 
_struct_keywords.text            
;CAG repeat expansion, Trinucleotide repeats, Huntington's Disease, RNA
;
# 
loop_
_struct_asym.id 
_struct_asym.pdbx_blank_PDB_chainid_flag 
_struct_asym.pdbx_modified 
_struct_asym.entity_id 
_struct_asym.details 
A N N 1 ? 
B N N 1 ? 
# 
_struct_ref.id                         1 
_struct_ref.db_name                    PDB 
_struct_ref.db_code                    2MS5 
_struct_ref.pdbx_db_accession          2MS5 
_struct_ref.entity_id                  1 
_struct_ref.pdbx_align_begin           ? 
_struct_ref.pdbx_seq_one_letter_code   ? 
_struct_ref.pdbx_db_isoform            ? 
# 
loop_
_struct_ref_seq.align_id 
_struct_ref_seq.ref_id 
_struct_ref_seq.pdbx_PDB_id_code 
_struct_ref_seq.pdbx_strand_id 
_struct_ref_seq.seq_align_beg 
_struct_ref_seq.pdbx_seq_align_beg_ins_code 
_struct_ref_seq.seq_align_end 
_struct_ref_seq.pdbx_seq_align_end_ins_code 
_struct_ref_seq.pdbx_db_accession 
_struct_ref_seq.db_align_beg 
_struct_ref_seq.pdbx_db_align_beg_ins_code 
_struct_ref_seq.db_align_end 
_struct_ref_seq.pdbx_db_align_end_ins_code 
_struct_ref_seq.pdbx_auth_seq_align_beg 
_struct_ref_seq.pdbx_auth_seq_align_end 
1 1 2MS5 S 1 ? 9 ? 2MS5 1 ? 9 ? 1 9 
2 1 2MS5 A 1 ? 9 ? 2MS5 1 ? 9 ? 1 9 
# 
_pdbx_struct_assembly.id                   1 
_pdbx_struct_assembly.details              author_defined_assembly 
_pdbx_struct_assembly.method_details       ? 
_pdbx_struct_assembly.oligomeric_details   dimeric 
_pdbx_struct_assembly.oligomeric_count     2 
# 
_pdbx_struct_assembly_gen.assembly_id       1 
_pdbx_struct_assembly_gen.oper_expression   1 
_pdbx_struct_assembly_gen.asym_id_list      A,B 
# 
_pdbx_struct_oper_list.id                   1 
_pdbx_struct_oper_list.type                 'identity operation' 
_pdbx_struct_oper_list.name                 1_555 
_pdbx_struct_oper_list.symmetry_operation   x,y,z 
_pdbx_struct_oper_list.matrix[1][1]         1.0000000000 
_pdbx_struct_oper_list.matrix[1][2]         0.0000000000 
_pdbx_struct_oper_list.matrix[1][3]         0.0000000000 
_pdbx_struct_oper_list.vector[1]            0.0000000000 
_pdbx_struct_oper_list.matrix[2][1]         0.0000000000 
_pdbx_struct_oper_list.matrix[2][2]         1.0000000000 
_pdbx_struct_oper_list.matrix[2][3]         0.0000000000 
_pdbx_struct_oper_list.vector[2]            0.0000000000 
_pdbx_struct_oper_list.matrix[3][1]         0.0000000000 
_pdbx_struct_oper_list.matrix[3][2]         0.0000000000 
_pdbx_struct_oper_list.matrix[3][3]         1.0000000000 
_pdbx_struct_oper_list.vector[3]            0.0000000000 
# 
_struct_biol.id        1 
_struct_biol.details   ? 
# 
loop_
_struct_conn.id 
_struct_conn.conn_type_id 
_struct_conn.pdbx_leaving_atom_flag 
_struct_conn.pdbx_PDB_id 
_struct_conn.ptnr1_label_asym_id 
_struct_conn.ptnr1_label_comp_id 
_struct_conn.ptnr1_label_seq_id 
_struct_conn.ptnr1_label_atom_id 
_struct_conn.pdbx_ptnr1_label_alt_id 
_struct_conn.pdbx_ptnr1_PDB_ins_code 
_struct_conn.pdbx_ptnr1_standard_comp_id 
_struct_conn.ptnr1_symmetry 
_struct_conn.ptnr2_label_asym_id 
_struct_conn.ptnr2_label_comp_id 
_struct_conn.ptnr2_label_seq_id 
_struct_conn.ptnr2_label_atom_id 
_struct_conn.pdbx_ptnr2_label_alt_id 
_struct_conn.pdbx_ptnr2_PDB_ins_code 
_struct_conn.ptnr1_auth_asym_id 
_struct_conn.ptnr1_auth_comp_id 
_struct_conn.ptnr1_auth_seq_id 
_struct_conn.ptnr2_auth_asym_id 
_struct_conn.ptnr2_auth_comp_id 
_struct_conn.ptnr2_auth_seq_id 
_struct_conn.ptnr2_symmetry 
_struct_conn.pdbx_ptnr3_label_atom_id 
_struct_conn.pdbx_ptnr3_label_seq_id 
_struct_conn.pdbx_ptnr3_label_comp_id 
_struct_conn.pdbx_ptnr3_label_asym_id 
_struct_conn.pdbx_ptnr3_label_alt_id 
_struct_conn.pdbx_ptnr3_PDB_ins_code 
_struct_conn.details 
_struct_conn.pdbx_dist_value 
_struct_conn.pdbx_value_order 
_struct_conn.pdbx_role 
hydrog1  hydrog ? ? A C 1 N3 ? ? ? 1_555 B G 9 N1 ? ? S C 1 A G 9 1_555 ? ? ? ? ? ? WATSON-CRICK  ? ? ? 
hydrog2  hydrog ? ? A C 1 N4 ? ? ? 1_555 B G 9 O6 ? ? S C 1 A G 9 1_555 ? ? ? ? ? ? WATSON-CRICK  ? ? ? 
hydrog3  hydrog ? ? A C 1 O2 ? ? ? 1_555 B G 9 N2 ? ? S C 1 A G 9 1_555 ? ? ? ? ? ? WATSON-CRICK  ? ? ? 
hydrog4  hydrog ? ? A C 2 N3 ? ? ? 1_555 B G 8 N1 ? ? S C 2 A G 8 1_555 ? ? ? ? ? ? WATSON-CRICK  ? ? ? 
hydrog5  hydrog ? ? A C 2 N4 ? ? ? 1_555 B G 8 O6 ? ? S C 2 A G 8 1_555 ? ? ? ? ? ? WATSON-CRICK  ? ? ? 
hydrog6  hydrog ? ? A C 2 O2 ? ? ? 1_555 B G 8 N2 ? ? S C 2 A G 8 1_555 ? ? ? ? ? ? WATSON-CRICK  ? ? ? 
hydrog7  hydrog ? ? A G 3 N1 ? ? ? 1_555 B C 7 N3 ? ? S G 3 A C 7 1_555 ? ? ? ? ? ? WATSON-CRICK  ? ? ? 
hydrog8  hydrog ? ? A G 3 N2 ? ? ? 1_555 B C 7 O2 ? ? S G 3 A C 7 1_555 ? ? ? ? ? ? WATSON-CRICK  ? ? ? 
hydrog9  hydrog ? ? A G 3 O6 ? ? ? 1_555 B C 7 N4 ? ? S G 3 A C 7 1_555 ? ? ? ? ? ? WATSON-CRICK  ? ? ? 
hydrog10 hydrog ? ? A C 4 N3 ? ? ? 1_555 B G 6 N1 ? ? S C 4 A G 6 1_555 ? ? ? ? ? ? WATSON-CRICK  ? ? ? 
hydrog11 hydrog ? ? A C 4 N4 ? ? ? 1_555 B G 6 O6 ? ? S C 4 A G 6 1_555 ? ? ? ? ? ? WATSON-CRICK  ? ? ? 
hydrog12 hydrog ? ? A C 4 O2 ? ? ? 1_555 B G 6 N2 ? ? S C 4 A G 6 1_555 ? ? ? ? ? ? WATSON-CRICK  ? ? ? 
hydrog13 hydrog ? ? A A 5 N6 ? ? ? 1_555 B A 5 N1 ? ? S A 5 A A 5 1_555 ? ? ? ? ? ? 'A-A MISPAIR' ? ? ? 
hydrog14 hydrog ? ? A G 6 N1 ? ? ? 1_555 B C 4 N3 ? ? S G 6 A C 4 1_555 ? ? ? ? ? ? WATSON-CRICK  ? ? ? 
hydrog15 hydrog ? ? A G 6 N2 ? ? ? 1_555 B C 4 O2 ? ? S G 6 A C 4 1_555 ? ? ? ? ? ? WATSON-CRICK  ? ? ? 
hydrog16 hydrog ? ? A G 6 O6 ? ? ? 1_555 B C 4 N4 ? ? S G 6 A C 4 1_555 ? ? ? ? ? ? WATSON-CRICK  ? ? ? 
hydrog17 hydrog ? ? A C 7 N3 ? ? ? 1_555 B G 3 N1 ? ? S C 7 A G 3 1_555 ? ? ? ? ? ? WATSON-CRICK  ? ? ? 
hydrog18 hydrog ? ? A C 7 N4 ? ? ? 1_555 B G 3 O6 ? ? S C 7 A G 3 1_555 ? ? ? ? ? ? WATSON-CRICK  ? ? ? 
hydrog19 hydrog ? ? A C 7 O2 ? ? ? 1_555 B G 3 N2 ? ? S C 7 A G 3 1_555 ? ? ? ? ? ? WATSON-CRICK  ? ? ? 
hydrog20 hydrog ? ? A G 8 N1 ? ? ? 1_555 B C 2 N3 ? ? S G 8 A C 2 1_555 ? ? ? ? ? ? WATSON-CRICK  ? ? ? 
hydrog21 hydrog ? ? A G 8 N2 ? ? ? 1_555 B C 2 O2 ? ? S G 8 A C 2 1_555 ? ? ? ? ? ? WATSON-CRICK  ? ? ? 
hydrog22 hydrog ? ? A G 8 O6 ? ? ? 1_555 B C 2 N4 ? ? S G 8 A C 2 1_555 ? ? ? ? ? ? WATSON-CRICK  ? ? ? 
hydrog23 hydrog ? ? A G 9 N1 ? ? ? 1_555 B C 1 N3 ? ? S G 9 A C 1 1_555 ? ? ? ? ? ? WATSON-CRICK  ? ? ? 
hydrog24 hydrog ? ? A G 9 N2 ? ? ? 1_555 B C 1 O2 ? ? S G 9 A C 1 1_555 ? ? ? ? ? ? WATSON-CRICK  ? ? ? 
hydrog25 hydrog ? ? A G 9 O6 ? ? ? 1_555 B C 1 N4 ? ? S G 9 A C 1 1_555 ? ? ? ? ? ? WATSON-CRICK  ? ? ? 
# 
_struct_conn_type.id          hydrog 
_struct_conn_type.criteria    ? 
_struct_conn_type.reference   ? 
# 
loop_
_pdbx_validate_rmsd_bond.id 
_pdbx_validate_rmsd_bond.PDB_model_num 
_pdbx_validate_rmsd_bond.auth_atom_id_1 
_pdbx_validate_rmsd_bond.auth_asym_id_1 
_pdbx_validate_rmsd_bond.auth_comp_id_1 
_pdbx_validate_rmsd_bond.auth_seq_id_1 
_pdbx_validate_rmsd_bond.PDB_ins_code_1 
_pdbx_validate_rmsd_bond.label_alt_id_1 
_pdbx_validate_rmsd_bond.auth_atom_id_2 
_pdbx_validate_rmsd_bond.auth_asym_id_2 
_pdbx_validate_rmsd_bond.auth_comp_id_2 
_pdbx_validate_rmsd_bond.auth_seq_id_2 
_pdbx_validate_rmsd_bond.PDB_ins_code_2 
_pdbx_validate_rmsd_bond.label_alt_id_2 
_pdbx_validate_rmsd_bond.bond_value 
_pdbx_validate_rmsd_bond.bond_target_value 
_pdbx_validate_rmsd_bond.bond_deviation 
_pdbx_validate_rmsd_bond.bond_standard_deviation 
_pdbx_validate_rmsd_bond.linker_flag 
1  1 P     S C 1 ? ? OP1   S C 1 ? ? 1.601 1.485 0.116  0.017 N 
2  1 "C2'" S C 1 ? ? "C1'" S C 1 ? ? 1.596 1.529 0.067  0.011 N 
3  1 C5    S C 1 ? ? C6    S C 1 ? ? 1.405 1.339 0.066  0.008 N 
4  1 "O3'" S C 1 ? ? P     S C 2 ? ? 1.527 1.607 -0.080 0.012 Y 
5  1 C4    S C 2 ? ? C5    S C 2 ? ? 1.375 1.425 -0.050 0.008 N 
6  1 N7    S G 3 ? ? C8    S G 3 ? ? 1.360 1.305 0.055  0.006 N 
7  1 "O4'" S C 4 ? ? "C4'" S C 4 ? ? 1.350 1.451 -0.101 0.013 N 
8  1 C4    S C 4 ? ? C5    S C 4 ? ? 1.363 1.425 -0.062 0.008 N 
9  1 C5    S C 4 ? ? C6    S C 4 ? ? 1.409 1.339 0.070  0.008 N 
10 1 P     S A 5 ? ? "O5'" S A 5 ? ? 1.519 1.593 -0.074 0.010 N 
11 1 N3    S A 5 ? ? C4    S A 5 ? ? 1.303 1.344 -0.041 0.006 N 
12 1 C6    S A 5 ? ? N6    S A 5 ? ? 1.419 1.335 0.084  0.008 N 
13 1 "O3'" S A 5 ? ? P     S G 6 ? ? 1.528 1.607 -0.079 0.012 Y 
14 1 P     S C 7 ? ? "O5'" S C 7 ? ? 1.498 1.593 -0.095 0.010 N 
15 1 C2    S C 7 ? ? N3    S C 7 ? ? 1.437 1.353 0.084  0.008 N 
16 1 C5    S C 7 ? ? C6    S C 7 ? ? 1.393 1.339 0.054  0.008 N 
17 1 C6    S G 8 ? ? N1    S G 8 ? ? 1.346 1.391 -0.045 0.007 N 
18 1 N1    S G 9 ? ? C2    S G 9 ? ? 1.318 1.373 -0.055 0.008 N 
19 1 P     A C 1 ? ? OP2   A C 1 ? ? 1.589 1.485 0.104  0.017 N 
20 1 P     A C 2 ? ? "O5'" A C 2 ? ? 1.500 1.593 -0.093 0.010 N 
21 1 C5    A C 2 ? ? C6    A C 2 ? ? 1.399 1.339 0.060  0.008 N 
22 1 P     A G 3 ? ? "O5'" A G 3 ? ? 1.503 1.593 -0.090 0.010 N 
23 1 C6    A G 3 ? ? N1    A G 3 ? ? 1.344 1.391 -0.047 0.007 N 
24 1 N7    A G 3 ? ? C8    A G 3 ? ? 1.364 1.305 0.059  0.006 N 
25 1 P     A C 4 ? ? OP1   A C 4 ? ? 1.601 1.485 0.116  0.017 N 
26 1 P     A C 4 ? ? "O5'" A C 4 ? ? 1.514 1.593 -0.079 0.010 N 
27 1 N1    A C 4 ? ? C6    A C 4 ? ? 1.311 1.367 -0.056 0.006 N 
28 1 N9    A A 5 ? ? C4    A A 5 ? ? 1.327 1.374 -0.047 0.006 N 
29 1 "O3'" A A 5 ? ? P     A G 6 ? ? 1.514 1.607 -0.093 0.012 Y 
30 1 C2    A G 6 ? ? N3    A G 6 ? ? 1.383 1.323 0.060  0.008 N 
31 1 C5    A G 6 ? ? N7    A G 6 ? ? 1.327 1.388 -0.061 0.006 N 
32 1 N7    A G 6 ? ? C8    A G 6 ? ? 1.388 1.305 0.083  0.006 N 
33 1 C8    A G 6 ? ? N9    A G 6 ? ? 1.299 1.374 -0.075 0.007 N 
34 1 N9    A G 6 ? ? C4    A G 6 ? ? 1.429 1.375 0.054  0.008 N 
35 1 N1    A C 7 ? ? C6    A C 7 ? ? 1.329 1.367 -0.038 0.006 N 
36 1 C4    A C 7 ? ? C5    A C 7 ? ? 1.357 1.425 -0.068 0.008 N 
37 1 C4    A G 8 ? ? C5    A G 8 ? ? 1.462 1.379 0.083  0.007 N 
38 1 C6    A G 9 ? ? N1    A G 9 ? ? 1.345 1.391 -0.046 0.007 N 
39 1 C5    A G 9 ? ? N7    A G 9 ? ? 1.344 1.388 -0.044 0.006 N 
# 
loop_
_pdbx_validate_rmsd_angle.id 
_pdbx_validate_rmsd_angle.PDB_model_num 
_pdbx_validate_rmsd_angle.auth_atom_id_1 
_pdbx_validate_rmsd_angle.auth_asym_id_1 
_pdbx_validate_rmsd_angle.auth_comp_id_1 
_pdbx_validate_rmsd_angle.auth_seq_id_1 
_pdbx_validate_rmsd_angle.PDB_ins_code_1 
_pdbx_validate_rmsd_angle.label_alt_id_1 
_pdbx_validate_rmsd_angle.auth_atom_id_2 
_pdbx_validate_rmsd_angle.auth_asym_id_2 
_pdbx_validate_rmsd_angle.auth_comp_id_2 
_pdbx_validate_rmsd_angle.auth_seq_id_2 
_pdbx_validate_rmsd_angle.PDB_ins_code_2 
_pdbx_validate_rmsd_angle.label_alt_id_2 
_pdbx_validate_rmsd_angle.auth_atom_id_3 
_pdbx_validate_rmsd_angle.auth_asym_id_3 
_pdbx_validate_rmsd_angle.auth_comp_id_3 
_pdbx_validate_rmsd_angle.auth_seq_id_3 
_pdbx_validate_rmsd_angle.PDB_ins_code_3 
_pdbx_validate_rmsd_angle.label_alt_id_3 
_pdbx_validate_rmsd_angle.angle_value 
_pdbx_validate_rmsd_angle.angle_target_value 
_pdbx_validate_rmsd_angle.angle_deviation 
_pdbx_validate_rmsd_angle.angle_standard_deviation 
_pdbx_validate_rmsd_angle.linker_flag 
1  1 OP1   S C 1 ? ? P     S C 1 ? ? OP2   S C 1 ? ? 106.11 119.60 -13.49 1.50 N 
2  1 "O5'" S C 1 ? ? P     S C 1 ? ? OP1   S C 1 ? ? 98.87  105.70 -6.83  0.90 N 
3  1 C2    S C 1 ? ? N3    S C 1 ? ? C4    S C 1 ? ? 123.81 119.90 3.91   0.50 N 
4  1 OP1   S C 2 ? ? P     S C 2 ? ? OP2   S C 2 ? ? 107.41 119.60 -12.19 1.50 N 
5  1 "O5'" S C 2 ? ? "C5'" S C 2 ? ? "C4'" S C 2 ? ? 104.25 109.40 -5.15  0.80 N 
6  1 N1    S C 2 ? ? C2    S C 2 ? ? O2    S C 2 ? ? 123.67 118.90 4.77   0.60 N 
7  1 "C3'" S G 3 ? ? "C2'" S G 3 ? ? "C1'" S G 3 ? ? 96.76  101.30 -4.54  0.70 N 
8  1 N3    S G 3 ? ? C4    S G 3 ? ? C5    S G 3 ? ? 123.37 128.60 -5.23  0.50 N 
9  1 C5    S G 3 ? ? C6    S G 3 ? ? O6    S G 3 ? ? 122.99 128.60 -5.61  0.60 N 
10 1 C2    S C 4 ? ? N3    S C 4 ? ? C4    S C 4 ? ? 124.82 119.90 4.92   0.50 N 
11 1 N1    S C 4 ? ? C2    S C 4 ? ? O2    S C 4 ? ? 122.69 118.90 3.79   0.60 N 
12 1 N3    S C 4 ? ? C4    S C 4 ? ? N4    S C 4 ? ? 123.62 118.00 5.62   0.70 N 
13 1 C5    S C 4 ? ? C4    S C 4 ? ? N4    S C 4 ? ? 115.72 120.20 -4.48  0.70 N 
14 1 OP1   S A 5 ? ? P     S A 5 ? ? OP2   S A 5 ? ? 105.99 119.60 -13.61 1.50 N 
15 1 N9    S A 5 ? ? "C1'" S A 5 ? ? "C2'" S A 5 ? ? 104.99 112.00 -7.01  1.10 N 
16 1 N1    S A 5 ? ? C2    S A 5 ? ? N3    S A 5 ? ? 124.29 129.30 -5.01  0.50 N 
17 1 C2    S A 5 ? ? N3    S A 5 ? ? C4    S A 5 ? ? 116.30 110.60 5.70   0.50 N 
18 1 C4    S A 5 ? ? C5    S A 5 ? ? C6    S A 5 ? ? 113.93 117.00 -3.07  0.50 N 
19 1 C5    S A 5 ? ? C6    S A 5 ? ? N1    S A 5 ? ? 121.57 117.70 3.87   0.50 N 
20 1 N9    S A 5 ? ? C4    S A 5 ? ? C5    S A 5 ? ? 101.83 105.80 -3.97  0.40 N 
21 1 N3    S A 5 ? ? C4    S A 5 ? ? N9    S A 5 ? ? 132.94 127.40 5.54   0.80 N 
22 1 C2    S G 6 ? ? N3    S G 6 ? ? C4    S G 6 ? ? 115.35 111.90 3.45   0.50 N 
23 1 N3    S G 6 ? ? C4    S G 6 ? ? C5    S G 6 ? ? 123.57 128.60 -5.03  0.50 N 
24 1 C4    S G 6 ? ? C5    S G 6 ? ? N7    S G 6 ? ? 107.92 110.80 -2.88  0.40 N 
25 1 C8    S G 6 ? ? N9    S G 6 ? ? C4    S G 6 ? ? 103.41 106.40 -2.99  0.40 N 
26 1 N9    S G 6 ? ? C4    S G 6 ? ? C5    S G 6 ? ? 108.03 105.40 2.63   0.40 N 
27 1 N1    S G 6 ? ? C6    S G 6 ? ? O6    S G 6 ? ? 125.85 119.90 5.95   0.60 N 
28 1 C5    S G 6 ? ? C6    S G 6 ? ? O6    S G 6 ? ? 124.06 128.60 -4.54  0.60 N 
29 1 OP1   S C 7 ? ? P     S C 7 ? ? OP2   S C 7 ? ? 109.56 119.60 -10.04 1.50 N 
30 1 "O4'" S C 7 ? ? "C1'" S C 7 ? ? N1    S C 7 ? ? 112.89 108.50 4.39   0.70 N 
31 1 C6    S G 8 ? ? N1    S G 8 ? ? C2    S G 8 ? ? 129.17 125.10 4.07   0.60 N 
32 1 N3    S G 9 ? ? C4    S G 9 ? ? C5    S G 9 ? ? 124.70 128.60 -3.90  0.50 N 
33 1 C4    S G 9 ? ? C5    S G 9 ? ? N7    S G 9 ? ? 107.34 110.80 -3.46  0.40 N 
34 1 OP1   A C 1 ? ? P     A C 1 ? ? OP2   A C 1 ? ? 105.99 119.60 -13.61 1.50 N 
35 1 C6    A C 1 ? ? N1    A C 1 ? ? C2    A C 1 ? ? 123.63 120.30 3.33   0.40 N 
36 1 N1    A C 1 ? ? C2    A C 1 ? ? N3    A C 1 ? ? 114.89 119.20 -4.31  0.70 N 
37 1 C2    A C 1 ? ? N3    A C 1 ? ? C4    A C 1 ? ? 127.06 119.90 7.16   0.50 N 
38 1 N3    A C 1 ? ? C4    A C 1 ? ? C5    A C 1 ? ? 116.02 121.90 -5.88  0.40 N 
39 1 N3    A C 1 ? ? C4    A C 1 ? ? N4    A C 1 ? ? 123.40 118.00 5.40   0.70 N 
40 1 OP1   A G 3 ? ? P     A G 3 ? ? OP2   A G 3 ? ? 110.42 119.60 -9.18  1.50 N 
41 1 N3    A G 3 ? ? C4    A G 3 ? ? C5    A G 3 ? ? 121.68 128.60 -6.92  0.50 N 
42 1 C4    A G 3 ? ? C5    A G 3 ? ? C6    A G 3 ? ? 123.14 118.80 4.34   0.60 N 
43 1 N7    A G 3 ? ? C8    A G 3 ? ? N9    A G 3 ? ? 117.54 113.10 4.44   0.50 N 
44 1 C8    A G 3 ? ? N9    A G 3 ? ? C4    A G 3 ? ? 101.55 106.40 -4.85  0.40 N 
45 1 N9    A G 3 ? ? C4    A G 3 ? ? C5    A G 3 ? ? 109.84 105.40 4.44   0.40 N 
46 1 OP1   A C 4 ? ? P     A C 4 ? ? OP2   A C 4 ? ? 109.31 119.60 -10.29 1.50 N 
47 1 N1    A C 4 ? ? C2    A C 4 ? ? N3    A C 4 ? ? 113.58 119.20 -5.62  0.70 N 
48 1 C2    A C 4 ? ? N3    A C 4 ? ? C4    A C 4 ? ? 127.53 119.90 7.63   0.50 N 
49 1 N3    A C 4 ? ? C4    A C 4 ? ? C5    A C 4 ? ? 116.47 121.90 -5.43  0.40 N 
50 1 N3    A C 4 ? ? C2    A C 4 ? ? O2    A C 4 ? ? 126.58 121.90 4.68   0.70 N 
51 1 N3    A C 4 ? ? C4    A C 4 ? ? N4    A C 4 ? ? 122.99 118.00 4.99   0.70 N 
52 1 "O3'" A C 4 ? ? P     A A 5 ? ? "O5'" A A 5 ? ? 116.94 104.00 12.94  1.90 Y 
53 1 OP1   A A 5 ? ? P     A A 5 ? ? OP2   A A 5 ? ? 110.25 119.60 -9.35  1.50 N 
54 1 "C5'" A A 5 ? ? "C4'" A A 5 ? ? "O4'" A A 5 ? ? 118.54 109.80 8.74   0.90 N 
55 1 C2    A A 5 ? ? N3    A A 5 ? ? C4    A A 5 ? ? 119.33 110.60 8.73   0.50 N 
56 1 N3    A A 5 ? ? C4    A A 5 ? ? C5    A A 5 ? ? 117.13 126.80 -9.67  0.70 N 
57 1 C4    A A 5 ? ? C5    A A 5 ? ? C6    A A 5 ? ? 120.27 117.00 3.27   0.50 N 
58 1 C4    A A 5 ? ? C5    A A 5 ? ? N7    A A 5 ? ? 104.44 110.70 -6.26  0.50 N 
59 1 C5    A A 5 ? ? N7    A A 5 ? ? C8    A A 5 ? ? 107.24 103.90 3.34   0.50 N 
60 1 N9    A A 5 ? ? C4    A A 5 ? ? C5    A A 5 ? ? 110.29 105.80 4.49   0.40 N 
61 1 N3    A A 5 ? ? C4    A A 5 ? ? N9    A A 5 ? ? 132.51 127.40 5.11   0.80 N 
62 1 C2    A G 6 ? ? N3    A G 6 ? ? C4    A G 6 ? ? 118.39 111.90 6.49   0.50 N 
63 1 N3    A G 6 ? ? C4    A G 6 ? ? C5    A G 6 ? ? 122.02 128.60 -6.58  0.50 N 
64 1 C5    A G 6 ? ? C6    A G 6 ? ? N1    A G 6 ? ? 114.93 111.50 3.43   0.50 N 
65 1 N7    A G 6 ? ? C8    A G 6 ? ? N9    A G 6 ? ? 117.39 113.10 4.29   0.50 N 
66 1 C8    A G 6 ? ? N9    A G 6 ? ? C4    A G 6 ? ? 101.56 106.40 -4.84  0.40 N 
67 1 N9    A G 6 ? ? C4    A G 6 ? ? C5    A G 6 ? ? 107.82 105.40 2.42   0.40 N 
68 1 N3    A G 6 ? ? C4    A G 6 ? ? N9    A G 6 ? ? 130.15 126.00 4.15   0.60 N 
69 1 C8    A G 6 ? ? N9    A G 6 ? ? "C1'" A G 6 ? ? 135.88 127.00 8.88   1.30 N 
70 1 "C5'" A C 7 ? ? "C4'" A C 7 ? ? "O4'" A C 7 ? ? 118.00 109.80 8.20   0.90 N 
71 1 N1    A C 7 ? ? C2    A C 7 ? ? N3    A C 7 ? ? 114.81 119.20 -4.39  0.70 N 
72 1 C2    A C 7 ? ? N3    A C 7 ? ? C4    A C 7 ? ? 122.97 119.90 3.07   0.50 N 
73 1 C4    A C 7 ? ? C5    A C 7 ? ? C6    A C 7 ? ? 113.58 117.40 -3.82  0.50 N 
74 1 C5    A C 7 ? ? C6    A C 7 ? ? N1    A C 7 ? ? 125.57 121.00 4.57   0.50 N 
75 1 N1    A C 7 ? ? C2    A C 7 ? ? O2    A C 7 ? ? 122.52 118.90 3.62   0.60 N 
76 1 C5    A C 7 ? ? C4    A C 7 ? ? N4    A C 7 ? ? 115.81 120.20 -4.39  0.70 N 
77 1 "C1'" A G 8 ? ? "O4'" A G 8 ? ? "C4'" A G 8 ? ? 116.42 109.90 6.52   0.80 N 
78 1 "O4'" A G 8 ? ? "C1'" A G 8 ? ? N9    A G 8 ? ? 114.06 108.50 5.56   0.70 N 
79 1 C2    A G 8 ? ? N3    A G 8 ? ? C4    A G 8 ? ? 117.03 111.90 5.13   0.50 N 
80 1 N3    A G 8 ? ? C4    A G 8 ? ? C5    A G 8 ? ? 124.28 128.60 -4.32  0.50 N 
81 1 C5    A G 8 ? ? C6    A G 8 ? ? N1    A G 8 ? ? 115.67 111.50 4.17   0.50 N 
82 1 N7    A G 8 ? ? C8    A G 8 ? ? N9    A G 8 ? ? 118.19 113.10 5.09   0.50 N 
83 1 C8    A G 8 ? ? N9    A G 8 ? ? C4    A G 8 ? ? 103.90 106.40 -2.50  0.40 N 
84 1 N3    A G 8 ? ? C4    A G 8 ? ? N9    A G 8 ? ? 130.43 126.00 4.43   0.60 N 
85 1 C2    A G 9 ? ? N3    A G 9 ? ? C4    A G 9 ? ? 115.07 111.90 3.17   0.50 N 
86 1 N3    A G 9 ? ? C4    A G 9 ? ? C5    A G 9 ? ? 124.59 128.60 -4.01  0.50 N 
87 1 C5    A G 9 ? ? C6    A G 9 ? ? N1    A G 9 ? ? 115.42 111.50 3.92   0.50 N 
88 1 C4    A G 9 ? ? C5    A G 9 ? ? N7    A G 9 ? ? 108.28 110.80 -2.52  0.40 N 
89 1 C8    A G 9 ? ? N9    A G 9 ? ? C4    A G 9 ? ? 103.96 106.40 -2.44  0.40 N 
90 1 C6    A G 9 ? ? C5    A G 9 ? ? N7    A G 9 ? ? 134.12 130.40 3.72   0.60 N 
91 1 N1    A G 9 ? ? C6    A G 9 ? ? O6    A G 9 ? ? 116.12 119.90 -3.78  0.60 N 
# 
loop_
_pdbx_validate_planes.id 
_pdbx_validate_planes.PDB_model_num 
_pdbx_validate_planes.auth_comp_id 
_pdbx_validate_planes.auth_asym_id 
_pdbx_validate_planes.auth_seq_id 
_pdbx_validate_planes.PDB_ins_code 
_pdbx_validate_planes.label_alt_id 
_pdbx_validate_planes.rmsd 
_pdbx_validate_planes.type 
1 1 A S 5 ? ? 0.055 'SIDE CHAIN' 
2 1 G S 8 ? ? 0.056 'SIDE CHAIN' 
3 1 G S 9 ? ? 0.058 'SIDE CHAIN' 
4 1 G A 6 ? ? 0.066 'SIDE CHAIN' 
5 1 G A 8 ? ? 0.071 'SIDE CHAIN' 
# 
_pdbx_nmr_ensemble.average_constraint_violations_per_residue     ? 
_pdbx_nmr_ensemble.average_constraints_per_residue               ? 
_pdbx_nmr_ensemble.average_distance_constraint_violation         ? 
_pdbx_nmr_ensemble.average_torsion_angle_constraint_violation    ? 
_pdbx_nmr_ensemble.conformer_selection_criteria                  'structures with the lowest energy' 
_pdbx_nmr_ensemble.conformers_calculated_total_number            100 
_pdbx_nmr_ensemble.conformers_submitted_total_number             1 
_pdbx_nmr_ensemble.distance_constraint_violation_method          ? 
_pdbx_nmr_ensemble.entry_id                                      2MS5 
_pdbx_nmr_ensemble.maximum_distance_constraint_violation         ? 
_pdbx_nmr_ensemble.maximum_lower_distance_constraint_violation   ? 
_pdbx_nmr_ensemble.maximum_torsion_angle_constraint_violation    ? 
_pdbx_nmr_ensemble.maximum_upper_distance_constraint_violation   ? 
_pdbx_nmr_ensemble.representative_conformer                      1 
_pdbx_nmr_ensemble.torsion_angle_constraint_violation_method     ? 
# 
_pdbx_nmr_representative.conformer_id         1 
_pdbx_nmr_representative.entry_id             2MS5 
_pdbx_nmr_representative.selection_criteria   'lowest energy' 
# 
_pdbx_nmr_sample_details.contents         
;2.35 mM RNA (5'-R(P*CP*CP*GP*CP*AP*GP*CP*GP*G)-3')-1, 90% H2O/10% D2O
;
_pdbx_nmr_sample_details.solution_id      1 
_pdbx_nmr_sample_details.solvent_system   '90% H2O/10% D2O' 
# 
_pdbx_nmr_exptl_sample.component             
;RNA (5'-R(P*CP*CP*GP*CP*AP*GP*CP*GP*G)-3')-1
;
_pdbx_nmr_exptl_sample.concentration         2.35 
_pdbx_nmr_exptl_sample.concentration_range   ? 
_pdbx_nmr_exptl_sample.concentration_units   mM 
_pdbx_nmr_exptl_sample.isotopic_labeling     ? 
_pdbx_nmr_exptl_sample.solution_id           1 
# 
_pdbx_nmr_exptl_sample_conditions.conditions_id       1 
_pdbx_nmr_exptl_sample_conditions.ionic_strength      0.018 
_pdbx_nmr_exptl_sample_conditions.pH                  7.2 
_pdbx_nmr_exptl_sample_conditions.pressure            ambient 
_pdbx_nmr_exptl_sample_conditions.pressure_units      ? 
_pdbx_nmr_exptl_sample_conditions.temperature         308 
_pdbx_nmr_exptl_sample_conditions.temperature_units   K 
# 
loop_
_pdbx_nmr_exptl.conditions_id 
_pdbx_nmr_exptl.experiment_id 
_pdbx_nmr_exptl.solution_id 
_pdbx_nmr_exptl.type 
1 1 1 '2D DQF-COSY'    
1 2 1 '2D 1H-1H NOESY' 
1 3 1 '2D 1H-1H TOCSY' 
# 
_pdbx_nmr_refine.entry_id           2MS5 
_pdbx_nmr_refine.method             'molecular dynamics' 
_pdbx_nmr_refine.details            ? 
_pdbx_nmr_refine.software_ordinal   1 
# 
loop_
_pdbx_nmr_software.authors 
_pdbx_nmr_software.classification 
_pdbx_nmr_software.name 
_pdbx_nmr_software.ordinal 
_pdbx_nmr_software.version 
'Accelrys Software Inc.' 'structure solution' Discover 1 ? 
?                        refinement           Discover 2 ? 
# 
loop_
_chem_comp_atom.comp_id 
_chem_comp_atom.atom_id 
_chem_comp_atom.type_symbol 
_chem_comp_atom.pdbx_aromatic_flag 
_chem_comp_atom.pdbx_stereo_config 
_chem_comp_atom.pdbx_ordinal 
A OP3    O N N 1   
A P      P N N 2   
A OP1    O N N 3   
A OP2    O N N 4   
A "O5'"  O N N 5   
A "C5'"  C N N 6   
A "C4'"  C N R 7   
A "O4'"  O N N 8   
A "C3'"  C N S 9   
A "O3'"  O N N 10  
A "C2'"  C N R 11  
A "O2'"  O N N 12  
A "C1'"  C N R 13  
A N9     N Y N 14  
A C8     C Y N 15  
A N7     N Y N 16  
A C5     C Y N 17  
A C6     C Y N 18  
A N6     N N N 19  
A N1     N Y N 20  
A C2     C Y N 21  
A N3     N Y N 22  
A C4     C Y N 23  
A HOP3   H N N 24  
A HOP2   H N N 25  
A "H5'"  H N N 26  
A "H5''" H N N 27  
A "H4'"  H N N 28  
A "H3'"  H N N 29  
A "HO3'" H N N 30  
A "H2'"  H N N 31  
A "HO2'" H N N 32  
A "H1'"  H N N 33  
A H8     H N N 34  
A H61    H N N 35  
A H62    H N N 36  
A H2     H N N 37  
C OP3    O N N 38  
C P      P N N 39  
C OP1    O N N 40  
C OP2    O N N 41  
C "O5'"  O N N 42  
C "C5'"  C N N 43  
C "C4'"  C N R 44  
C "O4'"  O N N 45  
C "C3'"  C N S 46  
C "O3'"  O N N 47  
C "C2'"  C N R 48  
C "O2'"  O N N 49  
C "C1'"  C N R 50  
C N1     N N N 51  
C C2     C N N 52  
C O2     O N N 53  
C N3     N N N 54  
C C4     C N N 55  
C N4     N N N 56  
C C5     C N N 57  
C C6     C N N 58  
C HOP3   H N N 59  
C HOP2   H N N 60  
C "H5'"  H N N 61  
C "H5''" H N N 62  
C "H4'"  H N N 63  
C "H3'"  H N N 64  
C "HO3'" H N N 65  
C "H2'"  H N N 66  
C "HO2'" H N N 67  
C "H1'"  H N N 68  
C H41    H N N 69  
C H42    H N N 70  
C H5     H N N 71  
C H6     H N N 72  
G OP3    O N N 73  
G P      P N N 74  
G OP1    O N N 75  
G OP2    O N N 76  
G "O5'"  O N N 77  
G "C5'"  C N N 78  
G "C4'"  C N R 79  
G "O4'"  O N N 80  
G "C3'"  C N S 81  
G "O3'"  O N N 82  
G "C2'"  C N R 83  
G "O2'"  O N N 84  
G "C1'"  C N R 85  
G N9     N Y N 86  
G C8     C Y N 87  
G N7     N Y N 88  
G C5     C Y N 89  
G C6     C N N 90  
G O6     O N N 91  
G N1     N N N 92  
G C2     C N N 93  
G N2     N N N 94  
G N3     N N N 95  
G C4     C Y N 96  
G HOP3   H N N 97  
G HOP2   H N N 98  
G "H5'"  H N N 99  
G "H5''" H N N 100 
G "H4'"  H N N 101 
G "H3'"  H N N 102 
G "HO3'" H N N 103 
G "H2'"  H N N 104 
G "HO2'" H N N 105 
G "H1'"  H N N 106 
G H8     H N N 107 
G H1     H N N 108 
G H21    H N N 109 
G H22    H N N 110 
# 
loop_
_chem_comp_bond.comp_id 
_chem_comp_bond.atom_id_1 
_chem_comp_bond.atom_id_2 
_chem_comp_bond.value_order 
_chem_comp_bond.pdbx_aromatic_flag 
_chem_comp_bond.pdbx_stereo_config 
_chem_comp_bond.pdbx_ordinal 
A OP3   P      sing N N 1   
A OP3   HOP3   sing N N 2   
A P     OP1    doub N N 3   
A P     OP2    sing N N 4   
A P     "O5'"  sing N N 5   
A OP2   HOP2   sing N N 6   
A "O5'" "C5'"  sing N N 7   
A "C5'" "C4'"  sing N N 8   
A "C5'" "H5'"  sing N N 9   
A "C5'" "H5''" sing N N 10  
A "C4'" "O4'"  sing N N 11  
A "C4'" "C3'"  sing N N 12  
A "C4'" "H4'"  sing N N 13  
A "O4'" "C1'"  sing N N 14  
A "C3'" "O3'"  sing N N 15  
A "C3'" "C2'"  sing N N 16  
A "C3'" "H3'"  sing N N 17  
A "O3'" "HO3'" sing N N 18  
A "C2'" "O2'"  sing N N 19  
A "C2'" "C1'"  sing N N 20  
A "C2'" "H2'"  sing N N 21  
A "O2'" "HO2'" sing N N 22  
A "C1'" N9     sing N N 23  
A "C1'" "H1'"  sing N N 24  
A N9    C8     sing Y N 25  
A N9    C4     sing Y N 26  
A C8    N7     doub Y N 27  
A C8    H8     sing N N 28  
A N7    C5     sing Y N 29  
A C5    C6     sing Y N 30  
A C5    C4     doub Y N 31  
A C6    N6     sing N N 32  
A C6    N1     doub Y N 33  
A N6    H61    sing N N 34  
A N6    H62    sing N N 35  
A N1    C2     sing Y N 36  
A C2    N3     doub Y N 37  
A C2    H2     sing N N 38  
A N3    C4     sing Y N 39  
C OP3   P      sing N N 40  
C OP3   HOP3   sing N N 41  
C P     OP1    doub N N 42  
C P     OP2    sing N N 43  
C P     "O5'"  sing N N 44  
C OP2   HOP2   sing N N 45  
C "O5'" "C5'"  sing N N 46  
C "C5'" "C4'"  sing N N 47  
C "C5'" "H5'"  sing N N 48  
C "C5'" "H5''" sing N N 49  
C "C4'" "O4'"  sing N N 50  
C "C4'" "C3'"  sing N N 51  
C "C4'" "H4'"  sing N N 52  
C "O4'" "C1'"  sing N N 53  
C "C3'" "O3'"  sing N N 54  
C "C3'" "C2'"  sing N N 55  
C "C3'" "H3'"  sing N N 56  
C "O3'" "HO3'" sing N N 57  
C "C2'" "O2'"  sing N N 58  
C "C2'" "C1'"  sing N N 59  
C "C2'" "H2'"  sing N N 60  
C "O2'" "HO2'" sing N N 61  
C "C1'" N1     sing N N 62  
C "C1'" "H1'"  sing N N 63  
C N1    C2     sing N N 64  
C N1    C6     sing N N 65  
C C2    O2     doub N N 66  
C C2    N3     sing N N 67  
C N3    C4     doub N N 68  
C C4    N4     sing N N 69  
C C4    C5     sing N N 70  
C N4    H41    sing N N 71  
C N4    H42    sing N N 72  
C C5    C6     doub N N 73  
C C5    H5     sing N N 74  
C C6    H6     sing N N 75  
G OP3   P      sing N N 76  
G OP3   HOP3   sing N N 77  
G P     OP1    doub N N 78  
G P     OP2    sing N N 79  
G P     "O5'"  sing N N 80  
G OP2   HOP2   sing N N 81  
G "O5'" "C5'"  sing N N 82  
G "C5'" "C4'"  sing N N 83  
G "C5'" "H5'"  sing N N 84  
G "C5'" "H5''" sing N N 85  
G "C4'" "O4'"  sing N N 86  
G "C4'" "C3'"  sing N N 87  
G "C4'" "H4'"  sing N N 88  
G "O4'" "C1'"  sing N N 89  
G "C3'" "O3'"  sing N N 90  
G "C3'" "C2'"  sing N N 91  
G "C3'" "H3'"  sing N N 92  
G "O3'" "HO3'" sing N N 93  
G "C2'" "O2'"  sing N N 94  
G "C2'" "C1'"  sing N N 95  
G "C2'" "H2'"  sing N N 96  
G "O2'" "HO2'" sing N N 97  
G "C1'" N9     sing N N 98  
G "C1'" "H1'"  sing N N 99  
G N9    C8     sing Y N 100 
G N9    C4     sing Y N 101 
G C8    N7     doub Y N 102 
G C8    H8     sing N N 103 
G N7    C5     sing Y N 104 
G C5    C6     sing N N 105 
G C5    C4     doub Y N 106 
G C6    O6     doub N N 107 
G C6    N1     sing N N 108 
G N1    C2     sing N N 109 
G N1    H1     sing N N 110 
G C2    N2     sing N N 111 
G C2    N3     doub N N 112 
G N2    H21    sing N N 113 
G N2    H22    sing N N 114 
G N3    C4     sing N N 115 
# 
loop_
_ndb_struct_conf_na.entry_id 
_ndb_struct_conf_na.feature 
2MS5 'a-form double helix'  
2MS5 'mismatched base pair' 
# 
loop_
_ndb_struct_na_base_pair.model_number 
_ndb_struct_na_base_pair.i_label_asym_id 
_ndb_struct_na_base_pair.i_label_comp_id 
_ndb_struct_na_base_pair.i_label_seq_id 
_ndb_struct_na_base_pair.i_symmetry 
_ndb_struct_na_base_pair.j_label_asym_id 
_ndb_struct_na_base_pair.j_label_comp_id 
_ndb_struct_na_base_pair.j_label_seq_id 
_ndb_struct_na_base_pair.j_symmetry 
_ndb_struct_na_base_pair.shear 
_ndb_struct_na_base_pair.stretch 
_ndb_struct_na_base_pair.stagger 
_ndb_struct_na_base_pair.buckle 
_ndb_struct_na_base_pair.propeller 
_ndb_struct_na_base_pair.opening 
_ndb_struct_na_base_pair.pair_number 
_ndb_struct_na_base_pair.pair_name 
_ndb_struct_na_base_pair.i_auth_asym_id 
_ndb_struct_na_base_pair.i_auth_seq_id 
_ndb_struct_na_base_pair.i_PDB_ins_code 
_ndb_struct_na_base_pair.j_auth_asym_id 
_ndb_struct_na_base_pair.j_auth_seq_id 
_ndb_struct_na_base_pair.j_PDB_ins_code 
_ndb_struct_na_base_pair.hbond_type_28 
_ndb_struct_na_base_pair.hbond_type_12 
1 A C 1 1_555 B G 9 1_555 0.318  -0.114 -0.253 0.063  -1.495  -0.893  1 S_C1:G9_A S 1 ? A 9 ? 19 1 
1 A C 2 1_555 B G 8 1_555 0.058  -0.205 -0.530 1.508  -1.926  -3.154  2 S_C2:G8_A S 2 ? A 8 ? 19 1 
1 A G 3 1_555 B C 7 1_555 -0.236 -0.191 -0.134 -1.788 -1.225  -2.075  3 S_G3:C7_A S 3 ? A 7 ? 19 1 
1 A C 4 1_555 B G 6 1_555 0.113  -0.155 0.049  4.929  -0.544  -1.110  4 S_C4:G6_A S 4 ? A 6 ? 19 1 
1 A A 5 1_555 B A 5 1_555 -1.606 1.437  0.295  -0.340 -11.278 -14.099 5 S_A5:A5_A S 5 ? A 5 ? ?  1 
1 A G 6 1_555 B C 4 1_555 -0.261 -0.158 -0.103 -0.035 -0.231  -1.975  6 S_G6:C4_A S 6 ? A 4 ? 19 1 
1 A C 7 1_555 B G 3 1_555 0.210  -0.184 -0.515 3.694  -3.224  0.659   7 S_C7:G3_A S 7 ? A 3 ? 19 1 
1 A G 8 1_555 B C 2 1_555 0.014  -0.149 -0.503 -5.605 -3.888  -1.745  8 S_G8:C2_A S 8 ? A 2 ? 19 1 
1 A G 9 1_555 B C 1 1_555 -0.140 -0.111 -0.175 -0.522 -2.180  0.704   9 S_G9:C1_A S 9 ? A 1 ? 19 1 
# 
loop_
_ndb_struct_na_base_pair_step.model_number 
_ndb_struct_na_base_pair_step.i_label_asym_id_1 
_ndb_struct_na_base_pair_step.i_label_comp_id_1 
_ndb_struct_na_base_pair_step.i_label_seq_id_1 
_ndb_struct_na_base_pair_step.i_symmetry_1 
_ndb_struct_na_base_pair_step.j_label_asym_id_1 
_ndb_struct_na_base_pair_step.j_label_comp_id_1 
_ndb_struct_na_base_pair_step.j_label_seq_id_1 
_ndb_struct_na_base_pair_step.j_symmetry_1 
_ndb_struct_na_base_pair_step.i_label_asym_id_2 
_ndb_struct_na_base_pair_step.i_label_comp_id_2 
_ndb_struct_na_base_pair_step.i_label_seq_id_2 
_ndb_struct_na_base_pair_step.i_symmetry_2 
_ndb_struct_na_base_pair_step.j_label_asym_id_2 
_ndb_struct_na_base_pair_step.j_label_comp_id_2 
_ndb_struct_na_base_pair_step.j_label_seq_id_2 
_ndb_struct_na_base_pair_step.j_symmetry_2 
_ndb_struct_na_base_pair_step.shift 
_ndb_struct_na_base_pair_step.slide 
_ndb_struct_na_base_pair_step.rise 
_ndb_struct_na_base_pair_step.tilt 
_ndb_struct_na_base_pair_step.roll 
_ndb_struct_na_base_pair_step.twist 
_ndb_struct_na_base_pair_step.x_displacement 
_ndb_struct_na_base_pair_step.y_displacement 
_ndb_struct_na_base_pair_step.helical_rise 
_ndb_struct_na_base_pair_step.inclination 
_ndb_struct_na_base_pair_step.tip 
_ndb_struct_na_base_pair_step.helical_twist 
_ndb_struct_na_base_pair_step.step_number 
_ndb_struct_na_base_pair_step.step_name 
_ndb_struct_na_base_pair_step.i_auth_asym_id_1 
_ndb_struct_na_base_pair_step.i_auth_seq_id_1 
_ndb_struct_na_base_pair_step.i_PDB_ins_code_1 
_ndb_struct_na_base_pair_step.j_auth_asym_id_1 
_ndb_struct_na_base_pair_step.j_auth_seq_id_1 
_ndb_struct_na_base_pair_step.j_PDB_ins_code_1 
_ndb_struct_na_base_pair_step.i_auth_asym_id_2 
_ndb_struct_na_base_pair_step.i_auth_seq_id_2 
_ndb_struct_na_base_pair_step.i_PDB_ins_code_2 
_ndb_struct_na_base_pair_step.j_auth_asym_id_2 
_ndb_struct_na_base_pair_step.j_auth_seq_id_2 
_ndb_struct_na_base_pair_step.j_PDB_ins_code_2 
1 A C 1 1_555 B G 9 1_555 A C 2 1_555 B G 8 1_555 -0.062 -1.335 3.272 3.256  9.662  29.698 -4.176 0.690  2.694 18.189 -6.130 
31.362 1 SS_C1C2:G8G9_AA S 1 ? A 9 ? S 2 ? A 8 ? 
1 A C 2 1_555 B G 8 1_555 A G 3 1_555 B C 7 1_555 0.081  -1.337 3.451 -2.378 11.206 29.362 -4.524 -0.586 2.753 21.122 4.482  
31.471 2 SS_C2G3:C7G8_AA S 2 ? A 8 ? S 3 ? A 7 ? 
1 A G 3 1_555 B C 7 1_555 A C 4 1_555 B G 6 1_555 0.029  -1.451 3.108 -1.576 7.564  33.952 -3.468 -0.265 2.728 12.748 2.656  
34.795 3 SS_G3C4:G6C7_AA S 3 ? A 7 ? S 4 ? A 6 ? 
1 A C 4 1_555 B G 6 1_555 A A 5 1_555 B A 5 1_555 -0.246 -1.470 3.445 1.337  10.352 21.930 -6.620 0.989  2.485 25.440 -3.287 
24.260 4 SS_C4A5:A5G6_AA S 4 ? A 6 ? S 5 ? A 5 ? 
1 A A 5 1_555 B A 5 1_555 A G 6 1_555 B C 4 1_555 0.340  -1.624 3.273 -1.883 8.599  38.894 -3.326 -0.706 2.845 12.716 2.784  
39.840 5 SS_A5G6:C4A5_AA S 5 ? A 5 ? S 6 ? A 4 ? 
1 A G 6 1_555 B C 4 1_555 A C 7 1_555 B G 3 1_555 0.043  -1.322 3.230 4.477  8.526  33.864 -3.385 0.557  2.808 14.282 -7.500 
35.168 6 SS_G6C7:G3C4_AA S 6 ? A 4 ? S 7 ? A 3 ? 
1 A C 7 1_555 B G 3 1_555 A G 8 1_555 B C 2 1_555 -0.072 -1.104 3.712 -0.032 11.191 30.661 -4.069 0.122  3.127 20.333 0.058  
32.594 7 SS_C7G8:C2G3_AA S 7 ? A 3 ? S 8 ? A 2 ? 
1 A G 8 1_555 B C 2 1_555 A G 9 1_555 B C 1 1_555 0.133  -1.336 3.189 -2.115 8.995  29.822 -4.054 -0.616 2.667 16.973 3.991  
31.190 8 SS_G8G9:C1C2_AA S 8 ? A 2 ? S 9 ? A 1 ? 
# 
loop_
_pdbx_nmr_spectrometer.field_strength 
_pdbx_nmr_spectrometer.manufacturer 
_pdbx_nmr_spectrometer.model 
_pdbx_nmr_spectrometer.spectrometer_id 
_pdbx_nmr_spectrometer.type 
400 Bruker AVANCE 1 'Bruker Avance' 
700 Bruker AVANCE 2 'Bruker Avance' 
# 
_atom_sites.entry_id                    2MS5 
_atom_sites.fract_transf_matrix[1][1]   1.000000 
_atom_sites.fract_transf_matrix[1][2]   0.000000 
_atom_sites.fract_transf_matrix[1][3]   0.000000 
_atom_sites.fract_transf_matrix[2][1]   0.000000 
_atom_sites.fract_transf_matrix[2][2]   1.000000 
_atom_sites.fract_transf_matrix[2][3]   0.000000 
_atom_sites.fract_transf_matrix[3][1]   0.000000 
_atom_sites.fract_transf_matrix[3][2]   0.000000 
_atom_sites.fract_transf_matrix[3][3]   1.000000 
_atom_sites.fract_transf_vector[1]      0.00000 
_atom_sites.fract_transf_vector[2]      0.00000 
_atom_sites.fract_transf_vector[3]      0.00000 
# 
loop_
_atom_type.symbol 
C 
H 
N 
O 
P 
# 
loop_
_atom_site.group_PDB 
_atom_site.id 
_atom_site.type_symbol 
_atom_site.label_atom_id 
_atom_site.label_alt_id 
_atom_site.label_comp_id 
_atom_site.label_asym_id 
_atom_site.label_entity_id 
_atom_site.label_seq_id 
_atom_site.pdbx_PDB_ins_code 
_atom_site.Cartn_x 
_atom_site.Cartn_y 
_atom_site.Cartn_z 
_atom_site.occupancy 
_atom_site.B_iso_or_equiv 
_atom_site.pdbx_formal_charge 
_atom_site.auth_seq_id 
_atom_site.auth_comp_id 
_atom_site.auth_asym_id 
_atom_site.auth_atom_id 
_atom_site.pdbx_PDB_model_num 
ATOM 1   O OP3    . C A 1 1 ? 14.005  -1.867  -1.723  1.00 0.00 ?  1 C S OP3    1 
ATOM 2   P P      . C A 1 1 ? 12.597  -2.009  -1.023  1.00 0.00 ?  1 C S P      1 
ATOM 3   O OP1    . C A 1 1 ? 12.247  -3.500  -0.559  1.00 0.00 ?  1 C S OP1    1 
ATOM 4   O OP2    . C A 1 1 ? 11.356  -1.501  -1.822  1.00 0.00 -1 1 C S OP2    1 
ATOM 5   O "O5'"  . C A 1 1 ? 12.544  -1.287  0.405   1.00 0.00 ?  1 C S "O5'"  1 
ATOM 6   C "C5'"  . C A 1 1 ? 13.405  -1.735  1.419   1.00 0.00 ?  1 C S "C5'"  1 
ATOM 7   C "C4'"  . C A 1 1 ? 13.411  -0.647  2.531   1.00 0.00 ?  1 C S "C4'"  1 
ATOM 8   O "O4'"  . C A 1 1 ? 13.889  0.620   2.104   1.00 0.00 ?  1 C S "O4'"  1 
ATOM 9   C "C3'"  . C A 1 1 ? 12.054  -0.444  3.236   1.00 0.00 ?  1 C S "C3'"  1 
ATOM 10  O "O3'"  . C A 1 1 ? 11.776  -1.534  4.103   1.00 0.00 ?  1 C S "O3'"  1 
ATOM 11  C "C2'"  . C A 1 1 ? 12.266  0.891   3.958   1.00 0.00 ?  1 C S "C2'"  1 
ATOM 12  O "O2'"  . C A 1 1 ? 12.966  0.758   5.178   1.00 0.00 ?  1 C S "O2'"  1 
ATOM 13  C "C1'"  . C A 1 1 ? 13.161  1.638   2.868   1.00 0.00 ?  1 C S "C1'"  1 
ATOM 14  N N1     . C A 1 1 ? 12.347  2.433   1.881   1.00 0.00 ?  1 C S N1     1 
ATOM 15  C C2     . C A 1 1 ? 11.893  3.722   2.260   1.00 0.00 ?  1 C S C2     1 
ATOM 16  O O2     . C A 1 1 ? 12.163  4.156   3.382   1.00 0.00 ?  1 C S O2     1 
ATOM 17  N N3     . C A 1 1 ? 11.168  4.438   1.339   1.00 0.00 ?  1 C S N3     1 
ATOM 18  C C4     . C A 1 1 ? 10.910  4.018   0.137   1.00 0.00 ?  1 C S C4     1 
ATOM 19  N N4     . C A 1 1 ? 10.197  4.799   -0.730  1.00 0.00 ?  1 C S N4     1 
ATOM 20  C C5     . C A 1 1 ? 11.385  2.740   -0.314  1.00 0.00 ?  1 C S C5     1 
ATOM 21  C C6     . C A 1 1 ? 12.079  1.984   0.647   1.00 0.00 ?  1 C S C6     1 
ATOM 22  H HOP3   . C A 1 1 ? 14.062  -1.009  -2.122  1.00 0.00 ?  1 C S HOP3   1 
ATOM 23  H "H5'"  . C A 1 1 ? 14.398  -1.876  0.994   1.00 0.00 ?  1 C S "H5'"  1 
ATOM 24  H "H5''" . C A 1 1 ? 13.085  -2.665  1.887   1.00 0.00 ?  1 C S "H5''" 1 
ATOM 25  H "H4'"  . C A 1 1 ? 13.991  -1.025  3.372   1.00 0.00 ?  1 C S "H4'"  1 
ATOM 26  H "H3'"  . C A 1 1 ? 11.341  -0.282  2.427   1.00 0.00 ?  1 C S "H3'"  1 
ATOM 27  H "H2'"  . C A 1 1 ? 11.387  1.492   4.187   1.00 0.00 ?  1 C S "H2'"  1 
ATOM 28  H "HO2'" . C A 1 1 ? 13.178  -0.148  5.359   1.00 0.00 ?  1 C S "HO2'" 1 
ATOM 29  H "H1'"  . C A 1 1 ? 13.833  2.390   3.283   1.00 0.00 ?  1 C S "H1'"  1 
ATOM 30  H H41    . C A 1 1 ? 9.716   5.622   -0.431  1.00 0.00 ?  1 C S H41    1 
ATOM 31  H H42    . C A 1 1 ? 10.125  4.565   -1.700  1.00 0.00 ?  1 C S H42    1 
ATOM 32  H H5     . C A 1 1 ? 11.158  2.409   -1.316  1.00 0.00 ?  1 C S H5     1 
ATOM 33  H H6     . C A 1 1 ? 12.595  1.077   0.372   1.00 0.00 ?  1 C S H6     1 
ATOM 34  P P      . C A 1 2 ? 10.303  -1.807  4.398   1.00 0.00 ?  2 C S P      1 
ATOM 35  O OP1    . C A 1 2 ? 10.084  -3.103  5.195   1.00 0.00 ?  2 C S OP1    1 
ATOM 36  O OP2    . C A 1 2 ? 9.433   -1.903  3.102   1.00 0.00 -1 2 C S OP2    1 
ATOM 37  O "O5'"  . C A 1 2 ? 9.674   -0.582  5.291   1.00 0.00 ?  2 C S "O5'"  1 
ATOM 38  C "C5'"  . C A 1 2 ? 10.096  -0.489  6.654   1.00 0.00 ?  2 C S "C5'"  1 
ATOM 39  C "C4'"  . C A 1 2 ? 9.590   0.874   7.111   1.00 0.00 ?  2 C S "C4'"  1 
ATOM 40  O "O4'"  . C A 1 2 ? 10.058  1.931   6.356   1.00 0.00 ?  2 C S "O4'"  1 
ATOM 41  C "C3'"  . C A 1 2 ? 8.085   0.990   7.040   1.00 0.00 ?  2 C S "C3'"  1 
ATOM 42  O "O3'"  . C A 1 2 ? 7.489   0.270   8.126   1.00 0.00 ?  2 C S "O3'"  1 
ATOM 43  C "C2'"  . C A 1 2 ? 7.985   2.496   7.172   1.00 0.00 ?  2 C S "C2'"  1 
ATOM 44  O "O2'"  . C A 1 2 ? 8.024   3.038   8.499   1.00 0.00 ?  2 C S "O2'"  1 
ATOM 45  C "C1'"  . C A 1 2 ? 9.090   2.996   6.231   1.00 0.00 ?  2 C S "C1'"  1 
ATOM 46  N N1     . C A 1 2 ? 8.701   3.201   4.808   1.00 0.00 ?  2 C S N1     1 
ATOM 47  C C2     . C A 1 2 ? 8.126   4.431   4.564   1.00 0.00 ?  2 C S C2     1 
ATOM 48  O O2     . C A 1 2 ? 7.820   5.218   5.440   1.00 0.00 ?  2 C S O2     1 
ATOM 49  N N3     . C A 1 2 ? 7.787   4.712   3.275   1.00 0.00 ?  2 C S N3     1 
ATOM 50  C C4     . C A 1 2 ? 8.029   3.793   2.290   1.00 0.00 ?  2 C S C4     1 
ATOM 51  N N4     . C A 1 2 ? 7.674   4.067   0.996   1.00 0.00 ?  2 C S N4     1 
ATOM 52  C C5     . C A 1 2 ? 8.558   2.557   2.579   1.00 0.00 ?  2 C S C5     1 
ATOM 53  C C6     . C A 1 2 ? 8.882   2.276   3.832   1.00 0.00 ?  2 C S C6     1 
ATOM 54  H "H5'"  . C A 1 2 ? 11.186  -0.490  6.643   1.00 0.00 ?  2 C S "H5'"  1 
ATOM 55  H "H5''" . C A 1 2 ? 9.631   -1.275  7.252   1.00 0.00 ?  2 C S "H5''" 1 
ATOM 56  H "H4'"  . C A 1 2 ? 9.963   1.135   8.102   1.00 0.00 ?  2 C S "H4'"  1 
ATOM 57  H "H3'"  . C A 1 2 ? 7.603   0.667   6.117   1.00 0.00 ?  2 C S "H3'"  1 
ATOM 58  H "H2'"  . C A 1 2 ? 6.973   2.683   6.813   1.00 0.00 ?  2 C S "H2'"  1 
ATOM 59  H "HO2'" . C A 1 2 ? 8.564   2.548   9.106   1.00 0.00 ?  2 C S "HO2'" 1 
ATOM 60  H "H1'"  . C A 1 2 ? 9.466   3.954   6.591   1.00 0.00 ?  2 C S "H1'"  1 
ATOM 61  H H41    . C A 1 2 ? 7.111   4.870   0.795   1.00 0.00 ?  2 C S H41    1 
ATOM 62  H H42    . C A 1 2 ? 8.069   3.476   0.291   1.00 0.00 ?  2 C S H42    1 
ATOM 63  H H5     . C A 1 2 ? 8.621   1.798   1.814   1.00 0.00 ?  2 C S H5     1 
ATOM 64  H H6     . C A 1 2 ? 9.396   1.334   3.951   1.00 0.00 ?  2 C S H6     1 
ATOM 65  P P      . G A 1 3 ? 5.982   -0.170  8.022   1.00 0.00 ?  3 G S P      1 
ATOM 66  O OP1    . G A 1 3 ? 5.609   -1.075  9.225   1.00 0.00 ?  3 G S OP1    1 
ATOM 67  O OP2    . G A 1 3 ? 5.757   -0.923  6.665   1.00 0.00 -1 3 G S OP2    1 
ATOM 68  O "O5'"  . G A 1 3 ? 5.094   1.128   8.094   1.00 0.00 ?  3 G S "O5'"  1 
ATOM 69  C "C5'"  . G A 1 3 ? 5.020   1.795   9.324   1.00 0.00 ?  3 G S "C5'"  1 
ATOM 70  C "C4'"  . G A 1 3 ? 4.305   3.121   9.162   1.00 0.00 ?  3 G S "C4'"  1 
ATOM 71  O "O4'"  . G A 1 3 ? 4.999   3.924   8.237   1.00 0.00 ?  3 G S "O4'"  1 
ATOM 72  C "C3'"  . G A 1 3 ? 2.948   2.970   8.577   1.00 0.00 ?  3 G S "C3'"  1 
ATOM 73  O "O3'"  . G A 1 3 ? 1.971   2.499   9.526   1.00 0.00 ?  3 G S "O3'"  1 
ATOM 74  C "C2'"  . G A 1 3 ? 2.667   4.367   7.965   1.00 0.00 ?  3 G S "C2'"  1 
ATOM 75  O "O2'"  . G A 1 3 ? 2.420   5.477   8.858   1.00 0.00 ?  3 G S "O2'"  1 
ATOM 76  C "C1'"  . G A 1 3 ? 4.057   4.598   7.404   1.00 0.00 ?  3 G S "C1'"  1 
ATOM 77  N N9     . G A 1 3 ? 4.203   4.173   5.967   1.00 0.00 ?  3 G S N9     1 
ATOM 78  C C8     . G A 1 3 ? 4.836   3.152   5.388   1.00 0.00 ?  3 G S C8     1 
ATOM 79  N N7     . G A 1 3 ? 4.815   3.149   4.027   1.00 0.00 ?  3 G S N7     1 
ATOM 80  C C5     . G A 1 3 ? 4.089   4.270   3.718   1.00 0.00 ?  3 G S C5     1 
ATOM 81  C C6     . G A 1 3 ? 3.693   4.775   2.477   1.00 0.00 ?  3 G S C6     1 
ATOM 82  O O6     . G A 1 3 ? 4.086   4.324   1.427   1.00 0.00 ?  3 G S O6     1 
ATOM 83  N N1     . G A 1 3 ? 3.003   5.964   2.559   1.00 0.00 ?  3 G S N1     1 
ATOM 84  C C2     . G A 1 3 ? 2.672   6.539   3.739   1.00 0.00 ?  3 G S C2     1 
ATOM 85  N N2     . G A 1 3 ? 2.031   7.726   3.692   1.00 0.00 ?  3 G S N2     1 
ATOM 86  N N3     . G A 1 3 ? 2.992   6.065   4.951   1.00 0.00 ?  3 G S N3     1 
ATOM 87  C C4     . G A 1 3 ? 3.746   4.938   4.916   1.00 0.00 ?  3 G S C4     1 
ATOM 88  H "H5'"  . G A 1 3 ? 6.034   1.942   9.697   1.00 0.00 ?  3 G S "H5'"  1 
ATOM 89  H "H5''" . G A 1 3 ? 4.414   1.152   9.964   1.00 0.00 ?  3 G S "H5''" 1 
ATOM 90  H "H4'"  . G A 1 3 ? 4.411   3.583   10.143  1.00 0.00 ?  3 G S "H4'"  1 
ATOM 91  H "H3'"  . G A 1 3 ? 2.874   2.189   7.821   1.00 0.00 ?  3 G S "H3'"  1 
ATOM 92  H "H2'"  . G A 1 3 ? 1.884   4.456   7.212   1.00 0.00 ?  3 G S "H2'"  1 
ATOM 93  H "HO2'" . G A 1 3 ? 2.153   5.045   9.657   1.00 0.00 ?  3 G S "HO2'" 1 
ATOM 94  H "H1'"  . G A 1 3 ? 4.323   5.654   7.346   1.00 0.00 ?  3 G S "H1'"  1 
ATOM 95  H H8     . G A 1 3 ? 5.231   2.374   6.023   1.00 0.00 ?  3 G S H8     1 
ATOM 96  H H1     . G A 1 3 ? 2.699   6.398   1.735   1.00 0.00 ?  3 G S H1     1 
ATOM 97  H H21    . G A 1 3 ? 2.126   8.440   4.386   1.00 0.00 ?  3 G S H21    1 
ATOM 98  H H22    . G A 1 3 ? 1.488   8.090   2.936   1.00 0.00 ?  3 G S H22    1 
ATOM 99  P P      . C A 1 4 ? 0.654   1.807   9.111   1.00 0.00 ?  4 C S P      1 
ATOM 100 O OP1    . C A 1 4 ? -0.076  1.285   10.364  1.00 0.00 ?  4 C S OP1    1 
ATOM 101 O OP2    . C A 1 4 ? 1.069   0.682   8.217   1.00 0.00 -1 4 C S OP2    1 
ATOM 102 O "O5'"  . C A 1 4 ? -0.317  2.780   8.367   1.00 0.00 ?  4 C S "O5'"  1 
ATOM 103 C "C5'"  . C A 1 4 ? -0.919  3.938   9.026   1.00 0.00 ?  4 C S "C5'"  1 
ATOM 104 C "C4'"  . C A 1 4 ? -1.524  4.831   7.996   1.00 0.00 ?  4 C S "C4'"  1 
ATOM 105 O "O4'"  . C A 1 4 ? -0.590  5.326   7.158   1.00 0.00 ?  4 C S "O4'"  1 
ATOM 106 C "C3'"  . C A 1 4 ? -2.525  4.190   7.109   1.00 0.00 ?  4 C S "C3'"  1 
ATOM 107 O "O3'"  . C A 1 4 ? -3.825  4.094   7.796   1.00 0.00 ?  4 C S "O3'"  1 
ATOM 108 C "C2'"  . C A 1 4 ? -2.611  5.200   6.043   1.00 0.00 ?  4 C S "C2'"  1 
ATOM 109 O "O2'"  . C A 1 4 ? -3.362  6.345   6.353   1.00 0.00 ?  4 C S "O2'"  1 
ATOM 110 C "C1'"  . C A 1 4 ? -1.146  5.563   5.826   1.00 0.00 ?  4 C S "C1'"  1 
ATOM 111 N N1     . C A 1 4 ? -0.474  4.697   4.835   1.00 0.00 ?  4 C S N1     1 
ATOM 112 C C2     . C A 1 4 ? -0.637  5.001   3.536   1.00 0.00 ?  4 C S C2     1 
ATOM 113 O O2     . C A 1 4 ? -1.377  5.924   3.149   1.00 0.00 ?  4 C S O2     1 
ATOM 114 N N3     . C A 1 4 ? 0.077   4.247   2.641   1.00 0.00 ?  4 C S N3     1 
ATOM 115 C C4     . C A 1 4 ? 0.840   3.236   2.959   1.00 0.00 ?  4 C S C4     1 
ATOM 116 N N4     . C A 1 4 ? 1.472   2.482   2.068   1.00 0.00 ?  4 C S N4     1 
ATOM 117 C C5     . C A 1 4 ? 1.023   2.887   4.264   1.00 0.00 ?  4 C S C5     1 
ATOM 118 C C6     . C A 1 4 ? 0.329   3.693   5.188   1.00 0.00 ?  4 C S C6     1 
ATOM 119 H "H5'"  . C A 1 4 ? -0.300  4.367   9.812   1.00 0.00 ?  4 C S "H5'"  1 
ATOM 120 H "H5''" . C A 1 4 ? -1.661  3.434   9.647   1.00 0.00 ?  4 C S "H5''" 1 
ATOM 121 H "H4'"  . C A 1 4 ? -1.990  5.681   8.495   1.00 0.00 ?  4 C S "H4'"  1 
ATOM 122 H "H3'"  . C A 1 4 ? -2.181  3.273   6.632   1.00 0.00 ?  4 C S "H3'"  1 
ATOM 123 H "H2'"  . C A 1 4 ? -3.025  4.865   5.092   1.00 0.00 ?  4 C S "H2'"  1 
ATOM 124 H "HO2'" . C A 1 4 ? -4.243  6.052   6.546   1.00 0.00 ?  4 C S "HO2'" 1 
ATOM 125 H "H1'"  . C A 1 4 ? -1.031  6.628   5.626   1.00 0.00 ?  4 C S "H1'"  1 
ATOM 126 H H41    . C A 1 4 ? 1.485   2.646   1.082   1.00 0.00 ?  4 C S H41    1 
ATOM 127 H H42    . C A 1 4 ? 2.103   1.742   2.300   1.00 0.00 ?  4 C S H42    1 
ATOM 128 H H5     . C A 1 4 ? 1.635   2.072   4.622   1.00 0.00 ?  4 C S H5     1 
ATOM 129 H H6     . C A 1 4 ? 0.446   3.343   6.203   1.00 0.00 ?  4 C S H6     1 
ATOM 130 P P      . A A 1 5 ? -4.471  2.681   8.038   1.00 0.00 ?  5 A S P      1 
ATOM 131 O OP1    . A A 1 5 ? -4.967  2.575   9.519   1.00 0.00 ?  5 A S OP1    1 
ATOM 132 O OP2    . A A 1 5 ? -3.395  1.597   7.872   1.00 0.00 -1 5 A S OP2    1 
ATOM 133 O "O5'"  . A A 1 5 ? -5.585  2.335   7.065   1.00 0.00 ?  5 A S "O5'"  1 
ATOM 134 C "C5'"  . A A 1 5 ? -6.751  3.203   7.022   1.00 0.00 ?  5 A S "C5'"  1 
ATOM 135 C "C4'"  . A A 1 5 ? -6.819  4.155   5.869   1.00 0.00 ?  5 A S "C4'"  1 
ATOM 136 O "O4'"  . A A 1 5 ? -5.536  4.625   5.494   1.00 0.00 ?  5 A S "O4'"  1 
ATOM 137 C "C3'"  . A A 1 5 ? -7.402  3.723   4.534   1.00 0.00 ?  5 A S "C3'"  1 
ATOM 138 O "O3'"  . A A 1 5 ? -8.773  3.507   4.388   1.00 0.00 ?  5 A S "O3'"  1 
ATOM 139 C "C2'"  . A A 1 5 ? -6.920  4.691   3.541   1.00 0.00 ?  5 A S "C2'"  1 
ATOM 140 O "O2'"  . A A 1 5 ? -7.649  5.933   3.478   1.00 0.00 ?  5 A S "O2'"  1 
ATOM 141 C "C1'"  . A A 1 5 ? -5.476  4.873   4.077   1.00 0.00 ?  5 A S "C1'"  1 
ATOM 142 N N9     . A A 1 5 ? -4.672  3.719   3.458   1.00 0.00 ?  5 A S N9     1 
ATOM 143 C C8     . A A 1 5 ? -3.822  2.841   4.033   1.00 0.00 ?  5 A S C8     1 
ATOM 144 N N7     . A A 1 5 ? -3.056  2.178   3.207   1.00 0.00 ?  5 A S N7     1 
ATOM 145 C C5     . A A 1 5 ? -3.476  2.665   1.955   1.00 0.00 ?  5 A S C5     1 
ATOM 146 C C6     . A A 1 5 ? -3.125  2.372   0.664   1.00 0.00 ?  5 A S C6     1 
ATOM 147 N N6     . A A 1 5 ? -2.137  1.393   0.385   1.00 0.00 ?  5 A S N6     1 
ATOM 148 N N1     . A A 1 5 ? -3.695  3.007   -0.386  1.00 0.00 ?  5 A S N1     1 
ATOM 149 C C2     . A A 1 5 ? -4.613  3.934   -0.149  1.00 0.00 ?  5 A S C2     1 
ATOM 150 N N3     . A A 1 5 ? -4.998  4.313   1.065   1.00 0.00 ?  5 A S N3     1 
ATOM 151 C C4     . A A 1 5 ? -4.455  3.680   2.067   1.00 0.00 ?  5 A S C4     1 
ATOM 152 H "H5'"  . A A 1 5 ? -6.742  3.849   7.900   1.00 0.00 ?  5 A S "H5'"  1 
ATOM 153 H "H5''" . A A 1 5 ? -7.614  2.546   7.117   1.00 0.00 ?  5 A S "H5''" 1 
ATOM 154 H "H4'"  . A A 1 5 ? -7.345  5.031   6.247   1.00 0.00 ?  5 A S "H4'"  1 
ATOM 155 H "H3'"  . A A 1 5 ? -6.871  2.776   4.430   1.00 0.00 ?  5 A S "H3'"  1 
ATOM 156 H "H2'"  . A A 1 5 ? -7.007  4.215   2.564   1.00 0.00 ?  5 A S "H2'"  1 
ATOM 157 H "HO2'" . A A 1 5 ? -7.309  6.565   2.860   1.00 0.00 ?  5 A S "HO2'" 1 
ATOM 158 H "H1'"  . A A 1 5 ? -4.972  5.808   3.832   1.00 0.00 ?  5 A S "H1'"  1 
ATOM 159 H H8     . A A 1 5 ? -3.664  2.740   5.096   1.00 0.00 ?  5 A S H8     1 
ATOM 160 H H61    . A A 1 5 ? -2.287  0.792   -0.400  1.00 0.00 ?  5 A S H61    1 
ATOM 161 H H62    . A A 1 5 ? -1.336  1.432   0.982   1.00 0.00 ?  5 A S H62    1 
ATOM 162 H H2     . A A 1 5 ? -5.130  4.310   -1.019  1.00 0.00 ?  5 A S H2     1 
ATOM 163 P P      . G A 1 6 ? -9.367  2.206   3.852   1.00 0.00 ?  6 G S P      1 
ATOM 164 O OP1    . G A 1 6 ? -10.841 2.171   4.261   1.00 0.00 ?  6 G S OP1    1 
ATOM 165 O OP2    . G A 1 6 ? -8.541  1.036   4.426   1.00 0.00 -1 6 G S OP2    1 
ATOM 166 O "O5'"  . G A 1 6 ? -9.166  2.115   2.305   1.00 0.00 ?  6 G S "O5'"  1 
ATOM 167 C "C5'"  . G A 1 6 ? -10.075 2.933   1.512   1.00 0.00 ?  6 G S "C5'"  1 
ATOM 168 C "C4'"  . G A 1 6 ? -9.876  2.662   0.028   1.00 0.00 ?  6 G S "C4'"  1 
ATOM 169 O "O4'"  . G A 1 6 ? -8.531  3.019   -0.363  1.00 0.00 ?  6 G S "O4'"  1 
ATOM 170 C "C3'"  . G A 1 6 ? -10.050 1.265   -0.427  1.00 0.00 ?  6 G S "C3'"  1 
ATOM 171 O "O3'"  . G A 1 6 ? -11.422 0.928   -0.586  1.00 0.00 ?  6 G S "O3'"  1 
ATOM 172 C "C2'"  . G A 1 6 ? -9.215  1.281   -1.758  1.00 0.00 ?  6 G S "C2'"  1 
ATOM 173 O "O2'"  . G A 1 6 ? -9.877  1.798   -2.838  1.00 0.00 ?  6 G S "O2'"  1 
ATOM 174 C "C1'"  . G A 1 6 ? -8.010  2.159   -1.347  1.00 0.00 ?  6 G S "C1'"  1 
ATOM 175 N N9     . G A 1 6 ? -6.932  1.323   -0.762  1.00 0.00 ?  6 G S N9     1 
ATOM 176 C C8     . G A 1 6 ? -6.468  1.147   0.475   1.00 0.00 ?  6 G S C8     1 
ATOM 177 N N7     . G A 1 6 ? -5.371  0.390   0.566   1.00 0.00 ?  6 G S N7     1 
ATOM 178 C C5     . G A 1 6 ? -5.084  0.010   -0.706  1.00 0.00 ?  6 G S C5     1 
ATOM 179 C C6     . G A 1 6 ? -3.974  -0.764  -1.252  1.00 0.00 ?  6 G S C6     1 
ATOM 180 O O6     . G A 1 6 ? -3.121  -1.313  -0.570  1.00 0.00 ?  6 G S O6     1 
ATOM 181 N N1     . G A 1 6 ? -4.073  -0.827  -2.651  1.00 0.00 ?  6 G S N1     1 
ATOM 182 C C2     . G A 1 6 ? -5.027  -0.266  -3.399  1.00 0.00 ?  6 G S C2     1 
ATOM 183 N N2     . G A 1 6 ? -4.937  -0.409  -4.743  1.00 0.00 ?  6 G S N2     1 
ATOM 184 N N3     . G A 1 6 ? -6.028  0.442   -2.915  1.00 0.00 ?  6 G S N3     1 
ATOM 185 C C4     . G A 1 6 ? -6.044  0.578   -1.551  1.00 0.00 ?  6 G S C4     1 
ATOM 186 H "H5'"  . G A 1 6 ? -9.982  3.994   1.742   1.00 0.00 ?  6 G S "H5'"  1 
ATOM 187 H "H5''" . G A 1 6 ? -11.093 2.717   1.838   1.00 0.00 ?  6 G S "H5''" 1 
ATOM 188 H "H4'"  . G A 1 6 ? -10.400 3.342   -0.643  1.00 0.00 ?  6 G S "H4'"  1 
ATOM 189 H "H3'"  . G A 1 6 ? -9.605  0.556   0.271   1.00 0.00 ?  6 G S "H3'"  1 
ATOM 190 H "H2'"  . G A 1 6 ? -8.885  0.357   -2.234  1.00 0.00 ?  6 G S "H2'"  1 
ATOM 191 H "HO2'" . G A 1 6 ? -10.590 2.379   -2.607  1.00 0.00 ?  6 G S "HO2'" 1 
ATOM 192 H "H1'"  . G A 1 6 ? -7.433  2.707   -2.092  1.00 0.00 ?  6 G S "H1'"  1 
ATOM 193 H H8     . G A 1 6 ? -6.944  1.695   1.274   1.00 0.00 ?  6 G S H8     1 
ATOM 194 H H1     . G A 1 6 ? -3.348  -1.382  -3.005  1.00 0.00 ?  6 G S H1     1 
ATOM 195 H H21    . G A 1 6 ? -5.680  -0.087  -5.332  1.00 0.00 ?  6 G S H21    1 
ATOM 196 H H22    . G A 1 6 ? -4.170  -0.779  -5.267  1.00 0.00 ?  6 G S H22    1 
ATOM 197 P P      . C A 1 7 ? -11.911 -0.532  -0.538  1.00 0.00 ?  7 C S P      1 
ATOM 198 O OP1    . C A 1 7 ? -13.420 -0.568  -0.517  1.00 0.00 ?  7 C S OP1    1 
ATOM 199 O OP2    . C A 1 7 ? -11.355 -1.149  0.787   1.00 0.00 -1 7 C S OP2    1 
ATOM 200 O "O5'"  . C A 1 7 ? -11.342 -1.202  -1.751  1.00 0.00 ?  7 C S "O5'"  1 
ATOM 201 C "C5'"  . C A 1 7 ? -11.901 -0.978  -3.053  1.00 0.00 ?  7 C S "C5'"  1 
ATOM 202 C "C4'"  . C A 1 7 ? -11.043 -1.687  -4.104  1.00 0.00 ?  7 C S "C4'"  1 
ATOM 203 O "O4'"  . C A 1 7 ? -9.681  -1.317  -4.003  1.00 0.00 ?  7 C S "O4'"  1 
ATOM 204 C "C3'"  . C A 1 7 ? -11.016 -3.205  -3.969  1.00 0.00 ?  7 C S "C3'"  1 
ATOM 205 O "O3'"  . C A 1 7 ? -12.257 -3.751  -4.504  1.00 0.00 ?  7 C S "O3'"  1 
ATOM 206 C "C2'"  . C A 1 7 ? -9.788  -3.569  -4.807  1.00 0.00 ?  7 C S "C2'"  1 
ATOM 207 O "O2'"  . C A 1 7 ? -9.990  -3.609  -6.234  1.00 0.00 ?  7 C S "O2'"  1 
ATOM 208 C "C1'"  . C A 1 7 ? -8.899  -2.459  -4.332  1.00 0.00 ?  7 C S "C1'"  1 
ATOM 209 N N1     . C A 1 7 ? -7.915  -2.852  -3.218  1.00 0.00 ?  7 C S N1     1 
ATOM 210 C C2     . C A 1 7 ? -6.724  -3.455  -3.502  1.00 0.00 ?  7 C S C2     1 
ATOM 211 O O2     . C A 1 7 ? -6.545  -3.954  -4.623  1.00 0.00 ?  7 C S O2     1 
ATOM 212 N N3     . C A 1 7 ? -5.829  -3.661  -2.397  1.00 0.00 ?  7 C S N3     1 
ATOM 213 C C4     . C A 1 7 ? -6.172  -3.262  -1.147  1.00 0.00 ?  7 C S C4     1 
ATOM 214 N N4     . C A 1 7 ? -5.343  -3.482  -0.101  1.00 0.00 ?  7 C S N4     1 
ATOM 215 C C5     . C A 1 7 ? -7.387  -2.623  -0.878  1.00 0.00 ?  7 C S C5     1 
ATOM 216 C C6     . C A 1 7 ? -8.221  -2.442  -1.979  1.00 0.00 ?  7 C S C6     1 
ATOM 217 H "H5'"  . C A 1 7 ? -11.927 0.095   -3.240  1.00 0.00 ?  7 C S "H5'"  1 
ATOM 218 H "H5''" . C A 1 7 ? -12.900 -1.405  -2.982  1.00 0.00 ?  7 C S "H5''" 1 
ATOM 219 H "H4'"  . C A 1 7 ? -11.606 -1.388  -4.987  1.00 0.00 ?  7 C S "H4'"  1 
ATOM 220 H "H3'"  . C A 1 7 ? -10.882 -3.472  -2.920  1.00 0.00 ?  7 C S "H3'"  1 
ATOM 221 H "H2'"  . C A 1 7 ? -9.444  -4.562  -4.515  1.00 0.00 ?  7 C S "H2'"  1 
ATOM 222 H "HO2'" . C A 1 7 ? -10.711 -3.082  -6.552  1.00 0.00 ?  7 C S "HO2'" 1 
ATOM 223 H "H1'"  . C A 1 7 ? -8.312  -2.083  -5.170  1.00 0.00 ?  7 C S "H1'"  1 
ATOM 224 H H41    . C A 1 7 ? -4.389  -3.631  -0.364  1.00 0.00 ?  7 C S H41    1 
ATOM 225 H H42    . C A 1 7 ? -5.675  -3.530  0.841   1.00 0.00 ?  7 C S H42    1 
ATOM 226 H H5     . C A 1 7 ? -7.657  -2.316  0.122   1.00 0.00 ?  7 C S H5     1 
ATOM 227 H H6     . C A 1 7 ? -9.245  -2.143  -1.813  1.00 0.00 ?  7 C S H6     1 
ATOM 228 P P      . G A 1 8 ? -12.634 -5.216  -3.981  1.00 0.00 ?  8 G S P      1 
ATOM 229 O OP1    . G A 1 8 ? -14.050 -5.636  -4.511  1.00 0.00 ?  8 G S OP1    1 
ATOM 230 O OP2    . G A 1 8 ? -12.549 -5.183  -2.410  1.00 0.00 -1 8 G S OP2    1 
ATOM 231 O "O5'"  . G A 1 8 ? -11.612 -6.257  -4.497  1.00 0.00 ?  8 G S "O5'"  1 
ATOM 232 C "C5'"  . G A 1 8 ? -11.617 -6.576  -5.899  1.00 0.00 ?  8 G S "C5'"  1 
ATOM 233 C "C4'"  . G A 1 8 ? -10.385 -7.436  -6.176  1.00 0.00 ?  8 G S "C4'"  1 
ATOM 234 O "O4'"  . G A 1 8 ? -9.170  -6.759  -5.836  1.00 0.00 ?  8 G S "O4'"  1 
ATOM 235 C "C3'"  . G A 1 8 ? -10.352 -8.698  -5.431  1.00 0.00 ?  8 G S "C3'"  1 
ATOM 236 O "O3'"  . G A 1 8 ? -11.273 -9.659  -5.990  1.00 0.00 ?  8 G S "O3'"  1 
ATOM 237 C "C2'"  . G A 1 8 ? -8.859  -9.048  -5.655  1.00 0.00 ?  8 G S "C2'"  1 
ATOM 238 O "O2'"  . G A 1 8 ? -8.544  -9.712  -6.891  1.00 0.00 ?  8 G S "O2'"  1 
ATOM 239 C "C1'"  . G A 1 8 ? -8.187  -7.709  -5.481  1.00 0.00 ?  8 G S "C1'"  1 
ATOM 240 N N9     . G A 1 8 ? -7.861  -7.416  -4.060  1.00 0.00 ?  8 G S N9     1 
ATOM 241 C C8     . G A 1 8 ? -8.504  -6.634  -3.192  1.00 0.00 ?  8 G S C8     1 
ATOM 242 N N7     . G A 1 8 ? -7.916  -6.542  -2.028  1.00 0.00 ?  8 G S N7     1 
ATOM 243 C C5     . G A 1 8 ? -6.814  -7.313  -2.171  1.00 0.00 ?  8 G S C5     1 
ATOM 244 C C6     . G A 1 8 ? -5.742  -7.548  -1.273  1.00 0.00 ?  8 G S C6     1 
ATOM 245 O O6     . G A 1 8 ? -5.503  -7.016  -0.214  1.00 0.00 ?  8 G S O6     1 
ATOM 246 N N1     . G A 1 8 ? -4.816  -8.343  -1.839  1.00 0.00 ?  8 G S N1     1 
ATOM 247 C C2     . G A 1 8 ? -4.792  -8.878  -3.087  1.00 0.00 ?  8 G S C2     1 
ATOM 248 N N2     . G A 1 8 ? -3.806  -9.690  -3.436  1.00 0.00 ?  8 G S N2     1 
ATOM 249 N N3     . G A 1 8 ? -5.784  -8.658  -3.939  1.00 0.00 ?  8 G S N3     1 
ATOM 250 C C4     . G A 1 8 ? -6.759  -7.878  -3.447  1.00 0.00 ?  8 G S C4     1 
ATOM 251 H "H5'"  . G A 1 8 ? -11.581 -5.653  -6.479  1.00 0.00 ?  8 G S "H5'"  1 
ATOM 252 H "H5''" . G A 1 8 ? -12.530 -7.135  -6.102  1.00 0.00 ?  8 G S "H5''" 1 
ATOM 253 H "H4'"  . G A 1 8 ? -10.354 -7.541  -7.260  1.00 0.00 ?  8 G S "H4'"  1 
ATOM 254 H "H3'"  . G A 1 8 ? -10.495 -8.603  -4.355  1.00 0.00 ?  8 G S "H3'"  1 
ATOM 255 H "H2'"  . G A 1 8 ? -8.485  -9.752  -4.911  1.00 0.00 ?  8 G S "H2'"  1 
ATOM 256 H "HO2'" . G A 1 8 ? -9.142  -9.364  -7.539  1.00 0.00 ?  8 G S "HO2'" 1 
ATOM 257 H "H1'"  . G A 1 8 ? -7.311  -7.505  -6.095  1.00 0.00 ?  8 G S "H1'"  1 
ATOM 258 H H8     . G A 1 8 ? -9.430  -6.087  -3.294  1.00 0.00 ?  8 G S H8     1 
ATOM 259 H H1     . G A 1 8 ? -4.027  -7.845  -1.540  1.00 0.00 ?  8 G S H1     1 
ATOM 260 H H21    . G A 1 8 ? -3.749  -10.064 -4.362  1.00 0.00 ?  8 G S H21    1 
ATOM 261 H H22    . G A 1 8 ? -3.088  -9.806  -2.751  1.00 0.00 ?  8 G S H22    1 
ATOM 262 P P      . G A 1 9 ? -11.769 -10.874 -5.088  1.00 0.00 ?  9 G S P      1 
ATOM 263 O OP1    . G A 1 9 ? -12.837 -11.746 -5.823  1.00 0.00 ?  9 G S OP1    1 
ATOM 264 O OP2    . G A 1 9 ? -12.266 -10.292 -3.701  1.00 0.00 -1 9 G S OP2    1 
ATOM 265 O "O5'"  . G A 1 9 ? -10.598 -11.826 -4.794  1.00 0.00 ?  9 G S "O5'"  1 
ATOM 266 C "C5'"  . G A 1 9 ? -10.016 -12.529 -5.873  1.00 0.00 ?  9 G S "C5'"  1 
ATOM 267 C "C4'"  . G A 1 9 ? -8.727  -13.283 -5.418  1.00 0.00 ?  9 G S "C4'"  1 
ATOM 268 O "O4'"  . G A 1 9 ? -7.812  -12.313 -5.013  1.00 0.00 ?  9 G S "O4'"  1 
ATOM 269 C "C3'"  . G A 1 9 ? -8.931  -14.191 -4.216  1.00 0.00 ?  9 G S "C3'"  1 
ATOM 270 O "O3'"  . G A 1 9 ? -9.390  -15.438 -4.680  1.00 0.00 -1 9 G S "O3'"  1 
ATOM 271 C "C2'"  . G A 1 9 ? -7.512  -14.261 -3.665  1.00 0.00 ?  9 G S "C2'"  1 
ATOM 272 O "O2'"  . G A 1 9 ? -6.767  -15.264 -4.354  1.00 0.00 ?  9 G S "O2'"  1 
ATOM 273 C "C1'"  . G A 1 9 ? -6.953  -12.837 -3.974  1.00 0.00 ?  9 G S "C1'"  1 
ATOM 274 N N9     . G A 1 9 ? -7.210  -11.987 -2.774  1.00 0.00 ?  9 G S N9     1 
ATOM 275 C C8     . G A 1 9 ? -8.180  -11.030 -2.553  1.00 0.00 ?  9 G S C8     1 
ATOM 276 N N7     . G A 1 9 ? -8.060  -10.428 -1.398  1.00 0.00 ?  9 G S N7     1 
ATOM 277 C C5     . G A 1 9 ? -6.921  -10.936 -0.794  1.00 0.00 ?  9 G S C5     1 
ATOM 278 C C6     . G A 1 9 ? -6.274  -10.620 0.425   1.00 0.00 ?  9 G S C6     1 
ATOM 279 O O6     . G A 1 9 ? -6.437  -9.708  1.185   1.00 0.00 ?  9 G S O6     1 
ATOM 280 N N1     . G A 1 9 ? -5.120  -11.436 0.592   1.00 0.00 ?  9 G S N1     1 
ATOM 281 C C2     . G A 1 9 ? -4.655  -12.329 -0.259  1.00 0.00 ?  9 G S C2     1 
ATOM 282 N N2     . G A 1 9 ? -3.556  -13.060 0.044   1.00 0.00 ?  9 G S N2     1 
ATOM 283 N N3     . G A 1 9 ? -5.233  -12.604 -1.431  1.00 0.00 ?  9 G S N3     1 
ATOM 284 C C4     . G A 1 9 ? -6.374  -11.897 -1.669  1.00 0.00 ?  9 G S C4     1 
ATOM 285 H "H5'"  . G A 1 9 ? -9.813  -11.956 -6.779  1.00 0.00 ?  9 G S "H5'"  1 
ATOM 286 H "H5''" . G A 1 9 ? -10.718 -13.323 -6.126  1.00 0.00 ?  9 G S "H5''" 1 
ATOM 287 H "H4'"  . G A 1 9 ? -8.243  -13.888 -6.186  1.00 0.00 ?  9 G S "H4'"  1 
ATOM 288 H "H3'"  . G A 1 9 ? -9.567  -13.731 -3.460  1.00 0.00 ?  9 G S "H3'"  1 
ATOM 289 H "H2'"  . G A 1 9 ? -7.441  -14.554 -2.618  1.00 0.00 ?  9 G S "H2'"  1 
ATOM 290 H "HO2'" . G A 1 9 ? -7.231  -16.091 -4.350  1.00 0.00 ?  9 G S "HO2'" 1 
ATOM 291 H "H1'"  . G A 1 9 ? -5.913  -12.909 -4.294  1.00 0.00 ?  9 G S "H1'"  1 
ATOM 292 H H8     . G A 1 9 ? -9.060  -10.820 -3.142  1.00 0.00 ?  9 G S H8     1 
ATOM 293 H H1     . G A 1 9 ? -4.637  -11.347 1.439   1.00 0.00 ?  9 G S H1     1 
ATOM 294 H H21    . G A 1 9 ? -3.224  -13.810 -0.529  1.00 0.00 ?  9 G S H21    1 
ATOM 295 H H22    . G A 1 9 ? -2.922  -12.817 0.780   1.00 0.00 ?  9 G S H22    1 
ATOM 296 O OP3    . C B 1 1 ? -0.829  -10.055 9.874   1.00 0.00 ?  1 C A OP3    1 
ATOM 297 P P      . C B 1 1 ? -0.052  -9.195  8.816   1.00 0.00 ?  1 C A P      1 
ATOM 298 O OP1    . C B 1 1 ? 1.344   -8.694  9.153   1.00 0.00 ?  1 C A OP1    1 
ATOM 299 O OP2    . C B 1 1 ? -0.859  -7.927  8.300   1.00 0.00 -1 1 C A OP2    1 
ATOM 300 O "O5'"  . C B 1 1 ? 0.239   -10.068 7.560   1.00 0.00 ?  1 C A "O5'"  1 
ATOM 301 C "C5'"  . C B 1 1 ? 1.036   -11.245 7.638   1.00 0.00 ?  1 C A "C5'"  1 
ATOM 302 C "C4'"  . C B 1 1 ? 0.922   -12.005 6.324   1.00 0.00 ?  1 C A "C4'"  1 
ATOM 303 O "O4'"  . C B 1 1 ? -0.378  -12.505 6.119   1.00 0.00 ?  1 C A "O4'"  1 
ATOM 304 C "C3'"  . C B 1 1 ? 1.226   -11.313 5.048   1.00 0.00 ?  1 C A "C3'"  1 
ATOM 305 O "O3'"  . C B 1 1 ? 2.609   -11.160 4.794   1.00 0.00 ?  1 C A "O3'"  1 
ATOM 306 C "C2'"  . C B 1 1 ? 0.509   -12.148 4.041   1.00 0.00 ?  1 C A "C2'"  1 
ATOM 307 O "O2'"  . C B 1 1 ? 1.247   -13.233 3.529   1.00 0.00 ?  1 C A "O2'"  1 
ATOM 308 C "C1'"  . C B 1 1 ? -0.757  -12.586 4.739   1.00 0.00 ?  1 C A "C1'"  1 
ATOM 309 N N1     . C B 1 1 ? -1.906  -11.712 4.486   1.00 0.00 ?  1 C A N1     1 
ATOM 310 C C2     . C B 1 1 ? -2.601  -11.887 3.315   1.00 0.00 ?  1 C A C2     1 
ATOM 311 O O2     . C B 1 1 ? -2.334  -12.780 2.525   1.00 0.00 ?  1 C A O2     1 
ATOM 312 N N3     . C B 1 1 ? -3.699  -11.116 3.186   1.00 0.00 ?  1 C A N3     1 
ATOM 313 C C4     . C B 1 1 ? -4.118  -10.185 4.021   1.00 0.00 ?  1 C A C4     1 
ATOM 314 N N4     . C B 1 1 ? -5.263  -9.497  3.849   1.00 0.00 ?  1 C A N4     1 
ATOM 315 C C5     . C B 1 1 ? -3.332  -9.995  5.188   1.00 0.00 ?  1 C A C5     1 
ATOM 316 C C6     . C B 1 1 ? -2.215  -10.784 5.399   1.00 0.00 ?  1 C A C6     1 
ATOM 317 H HOP3   . C B 1 1 ? -1.514  -10.392 9.313   1.00 0.00 ?  1 C A HOP3   1 
ATOM 318 H "H5'"  . C B 1 1 ? 0.726   -11.935 8.424   1.00 0.00 ?  1 C A "H5'"  1 
ATOM 319 H "H5''" . C B 1 1 ? 2.089   -10.993 7.758   1.00 0.00 ?  1 C A "H5''" 1 
ATOM 320 H "H4'"  . C B 1 1 ? 1.594   -12.851 6.469   1.00 0.00 ?  1 C A "H4'"  1 
ATOM 321 H "H3'"  . C B 1 1 ? 0.665   -10.379 5.091   1.00 0.00 ?  1 C A "H3'"  1 
ATOM 322 H "H2'"  . C B 1 1 ? 0.162   -11.586 3.175   1.00 0.00 ?  1 C A "H2'"  1 
ATOM 323 H "HO2'" . C B 1 1 ? 1.881   -13.374 4.218   1.00 0.00 ?  1 C A "HO2'" 1 
ATOM 324 H "H1'"  . C B 1 1 ? -0.977  -13.614 4.451   1.00 0.00 ?  1 C A "H1'"  1 
ATOM 325 H H41    . C B 1 1 ? -5.927  -9.774  3.156   1.00 0.00 ?  1 C A H41    1 
ATOM 326 H H42    . C B 1 1 ? -5.438  -8.685  4.406   1.00 0.00 ?  1 C A H42    1 
ATOM 327 H H5     . C B 1 1 ? -3.515  -9.366  6.047   1.00 0.00 ?  1 C A H5     1 
ATOM 328 H H6     . C B 1 1 ? -1.613  -10.607 6.278   1.00 0.00 ?  1 C A H6     1 
ATOM 329 P P      . C B 1 2 ? 3.119   -9.990  3.921   1.00 0.00 ?  2 C A P      1 
ATOM 330 O OP1    . C B 1 2 ? 4.669   -9.883  4.007   1.00 0.00 ?  2 C A OP1    1 
ATOM 331 O OP2    . C B 1 2 ? 2.436   -8.665  4.364   1.00 0.00 -1 2 C A OP2    1 
ATOM 332 O "O5'"  . C B 1 2 ? 2.822   -10.232 2.471   1.00 0.00 ?  2 C A "O5'"  1 
ATOM 333 C "C5'"  . C B 1 2 ? 3.348   -11.393 1.790   1.00 0.00 ?  2 C A "C5'"  1 
ATOM 334 C "C4'"  . C B 1 2 ? 2.601   -11.573 0.494   1.00 0.00 ?  2 C A "C4'"  1 
ATOM 335 O "O4'"  . C B 1 2 ? 1.225   -11.825 0.686   1.00 0.00 ?  2 C A "O4'"  1 
ATOM 336 C "C3'"  . C B 1 2 ? 2.603   -10.383 -0.441  1.00 0.00 ?  2 C A "C3'"  1 
ATOM 337 O "O3'"  . C B 1 2 ? 3.888   -10.263 -1.053  1.00 0.00 ?  2 C A "O3'"  1 
ATOM 338 C "C2'"  . C B 1 2 ? 1.413   -10.735 -1.369  1.00 0.00 ?  2 C A "C2'"  1 
ATOM 339 O "O2'"  . C B 1 2 ? 1.642   -11.636 -2.441  1.00 0.00 ?  2 C A "O2'"  1 
ATOM 340 C "C1'"  . C B 1 2 ? 0.427   -11.292 -0.381  1.00 0.00 ?  2 C A "C1'"  1 
ATOM 341 N N1     . C B 1 2 ? -0.513  -10.342 0.165   1.00 0.00 ?  2 C A N1     1 
ATOM 342 C C2     . C B 1 2 ? -1.639  -10.146 -0.571  1.00 0.00 ?  2 C A C2     1 
ATOM 343 O O2     . C B 1 2 ? -1.731  -10.589 -1.681  1.00 0.00 ?  2 C A O2     1 
ATOM 344 N N3     . C B 1 2 ? -2.616  -9.332  -0.089  1.00 0.00 ?  2 C A N3     1 
ATOM 345 C C4     . C B 1 2 ? -2.494  -8.775  1.100   1.00 0.00 ?  2 C A C4     1 
ATOM 346 N N4     . C B 1 2 ? -3.443  -7.932  1.569   1.00 0.00 ?  2 C A N4     1 
ATOM 347 C C5     . C B 1 2 ? -1.359  -8.946  1.872   1.00 0.00 ?  2 C A C5     1 
ATOM 348 C C6     . C B 1 2 ? -0.352  -9.765  1.354   1.00 0.00 ?  2 C A C6     1 
ATOM 349 H "H5'"  . C B 1 2 ? 3.323   -12.289 2.412   1.00 0.00 ?  2 C A "H5'"  1 
ATOM 350 H "H5''" . C B 1 2 ? 4.404   -11.241 1.569   1.00 0.00 ?  2 C A "H5''" 1 
ATOM 351 H "H4'"  . C B 1 2 ? 3.026   -12.478 0.059   1.00 0.00 ?  2 C A "H4'"  1 
ATOM 352 H "H3'"  . C B 1 2 ? 2.374   -9.514  0.174   1.00 0.00 ?  2 C A "H3'"  1 
ATOM 353 H "H2'"  . C B 1 2 ? 1.002   -9.825  -1.808  1.00 0.00 ?  2 C A "H2'"  1 
ATOM 354 H "HO2'" . C B 1 2 ? 2.537   -11.909 -2.290  1.00 0.00 ?  2 C A "HO2'" 1 
ATOM 355 H "H1'"  . C B 1 2 ? -0.036  -12.159 -0.852  1.00 0.00 ?  2 C A "H1'"  1 
ATOM 356 H H41    . C B 1 2 ? -4.235  -7.652  1.026   1.00 0.00 ?  2 C A H41    1 
ATOM 357 H H42    . C B 1 2 ? -3.309  -7.541  2.479   1.00 0.00 ?  2 C A H42    1 
ATOM 358 H H5     . C B 1 2 ? -1.256  -8.460  2.831   1.00 0.00 ?  2 C A H5     1 
ATOM 359 H H6     . C B 1 2 ? 0.609   -9.760  1.847   1.00 0.00 ?  2 C A H6     1 
ATOM 360 P P      . G B 1 3 ? 4.300   -8.839  -1.606  1.00 0.00 ?  3 G A P      1 
ATOM 361 O OP1    . G B 1 3 ? 5.788   -8.889  -2.010  1.00 0.00 ?  3 G A OP1    1 
ATOM 362 O OP2    . G B 1 3 ? 4.079   -7.793  -0.476  1.00 0.00 -1 3 G A OP2    1 
ATOM 363 O "O5'"  . G B 1 3 ? 3.525   -8.417  -2.822  1.00 0.00 ?  3 G A "O5'"  1 
ATOM 364 C "C5'"  . G B 1 3 ? 3.526   -9.262  -3.979  1.00 0.00 ?  3 G A "C5'"  1 
ATOM 365 C "C4'"  . G B 1 3 ? 2.396   -8.900  -4.901  1.00 0.00 ?  3 G A "C4'"  1 
ATOM 366 O "O4'"  . G B 1 3 ? 1.105   -9.252  -4.438  1.00 0.00 ?  3 G A "O4'"  1 
ATOM 367 C "C3'"  . G B 1 3 ? 2.262   -7.392  -5.294  1.00 0.00 ?  3 G A "C3'"  1 
ATOM 368 O "O3'"  . G B 1 3 ? 3.213   -7.059  -6.264  1.00 0.00 ?  3 G A "O3'"  1 
ATOM 369 C "C2'"  . G B 1 3 ? 0.873   -7.342  -5.865  1.00 0.00 ?  3 G A "C2'"  1 
ATOM 370 O "O2'"  . G B 1 3 ? 0.689   -7.835  -7.171  1.00 0.00 ?  3 G A "O2'"  1 
ATOM 371 C "C1'"  . G B 1 3 ? 0.198   -8.260  -4.869  1.00 0.00 ?  3 G A "C1'"  1 
ATOM 372 N N9     . G B 1 3 ? -0.295  -7.561  -3.677  1.00 0.00 ?  3 G A N9     1 
ATOM 373 C C8     . G B 1 3 ? 0.190   -7.435  -2.413  1.00 0.00 ?  3 G A C8     1 
ATOM 374 N N7     . G B 1 3 ? -0.589  -6.787  -1.500  1.00 0.00 ?  3 G A N7     1 
ATOM 375 C C5     . G B 1 3 ? -1.652  -6.388  -2.272  1.00 0.00 ?  3 G A C5     1 
ATOM 376 C C6     . G B 1 3 ? -2.766  -5.663  -1.871  1.00 0.00 ?  3 G A C6     1 
ATOM 377 O O6     . G B 1 3 ? -3.078  -5.348  -0.735  1.00 0.00 ?  3 G A O6     1 
ATOM 378 N N1     . G B 1 3 ? -3.617  -5.494  -2.898  1.00 0.00 ?  3 G A N1     1 
ATOM 379 C C2     . G B 1 3 ? -3.458  -5.920  -4.158  1.00 0.00 ?  3 G A C2     1 
ATOM 380 N N2     . G B 1 3 ? -4.429  -5.645  -5.051  1.00 0.00 ?  3 G A N2     1 
ATOM 381 N N3     . G B 1 3 ? -2.373  -6.609  -4.564  1.00 0.00 ?  3 G A N3     1 
ATOM 382 C C4     . G B 1 3 ? -1.474  -6.866  -3.589  1.00 0.00 ?  3 G A C4     1 
ATOM 383 H "H5'"  . G B 1 3 ? 3.454   -10.337 -3.815  1.00 0.00 ?  3 G A "H5'"  1 
ATOM 384 H "H5''" . G B 1 3 ? 4.447   -8.940  -4.464  1.00 0.00 ?  3 G A "H5''" 1 
ATOM 385 H "H4'"  . G B 1 3 ? 2.623   -9.513  -5.773  1.00 0.00 ?  3 G A "H4'"  1 
ATOM 386 H "H3'"  . G B 1 3 ? 2.328   -6.799  -4.382  1.00 0.00 ?  3 G A "H3'"  1 
ATOM 387 H "H2'"  . G B 1 3 ? 0.341   -6.393  -5.798  1.00 0.00 ?  3 G A "H2'"  1 
ATOM 388 H "HO2'" . G B 1 3 ? 1.567   -8.064  -7.445  1.00 0.00 ?  3 G A "HO2'" 1 
ATOM 389 H "H1'"  . G B 1 3 ? -0.635  -8.785  -5.337  1.00 0.00 ?  3 G A "H1'"  1 
ATOM 390 H H8     . G B 1 3 ? 1.112   -7.853  -2.035  1.00 0.00 ?  3 G A H8     1 
ATOM 391 H H1     . G B 1 3 ? -4.443  -5.520  -2.369  1.00 0.00 ?  3 G A H1     1 
ATOM 392 H H21    . G B 1 3 ? -4.196  -5.423  -5.998  1.00 0.00 ?  3 G A H21    1 
ATOM 393 H H22    . G B 1 3 ? -5.388  -5.526  -4.793  1.00 0.00 ?  3 G A H22    1 
ATOM 394 P P      . C B 1 4 ? 3.752   -5.582  -6.393  1.00 0.00 ?  4 C A P      1 
ATOM 395 O OP1    . C B 1 4 ? 5.010   -5.520  -7.380  1.00 0.00 ?  4 C A OP1    1 
ATOM 396 O OP2    . C B 1 4 ? 4.199   -5.122  -4.944  1.00 0.00 -1 4 C A OP2    1 
ATOM 397 O "O5'"  . C B 1 4 ? 2.665   -4.664  -6.911  1.00 0.00 ?  4 C A "O5'"  1 
ATOM 398 C "C5'"  . C B 1 4 ? 2.149   -4.831  -8.234  1.00 0.00 ?  4 C A "C5'"  1 
ATOM 399 C "C4'"  . C B 1 4 ? 0.832   -4.156  -8.437  1.00 0.00 ?  4 C A "C4'"  1 
ATOM 400 O "O4'"  . C B 1 4 ? -0.107  -4.566  -7.521  1.00 0.00 ?  4 C A "O4'"  1 
ATOM 401 C "C3'"  . C B 1 4 ? 1.034   -2.679  -8.216  1.00 0.00 ?  4 C A "C3'"  1 
ATOM 402 O "O3'"  . C B 1 4 ? 1.583   -2.007  -9.304  1.00 0.00 ?  4 C A "O3'"  1 
ATOM 403 C "C2'"  . C B 1 4 ? -0.416  -2.293  -7.992  1.00 0.00 ?  4 C A "C2'"  1 
ATOM 404 O "O2'"  . C B 1 4 ? -1.145  -2.291  -9.195  1.00 0.00 ?  4 C A "O2'"  1 
ATOM 405 C "C1'"  . C B 1 4 ? -0.970  -3.517  -7.190  1.00 0.00 ?  4 C A "C1'"  1 
ATOM 406 N N1     . C B 1 4 ? -0.990  -3.391  -5.707  1.00 0.00 ?  4 C A N1     1 
ATOM 407 C C2     . C B 1 4 ? -2.018  -2.656  -5.134  1.00 0.00 ?  4 C A C2     1 
ATOM 408 O O2     . C B 1 4 ? -2.923  -2.190  -5.854  1.00 0.00 ?  4 C A O2     1 
ATOM 409 N N3     . C B 1 4 ? -1.934  -2.569  -3.769  1.00 0.00 ?  4 C A N3     1 
ATOM 410 C C4     . C B 1 4 ? -1.012  -3.078  -2.993  1.00 0.00 ?  4 C A C4     1 
ATOM 411 N N4     . C B 1 4 ? -1.061  -3.002  -1.637  1.00 0.00 ?  4 C A N4     1 
ATOM 412 C C5     . C B 1 4 ? -0.018  -3.833  -3.620  1.00 0.00 ?  4 C A C5     1 
ATOM 413 C C6     . C B 1 4 ? -0.063  -3.982  -4.993  1.00 0.00 ?  4 C A C6     1 
ATOM 414 H "H5'"  . C B 1 4 ? 2.043   -5.890  -8.473  1.00 0.00 ?  4 C A "H5'"  1 
ATOM 415 H "H5''" . C B 1 4 ? 2.914   -4.393  -8.875  1.00 0.00 ?  4 C A "H5''" 1 
ATOM 416 H "H4'"  . C B 1 4 ? 0.426   -4.378  -9.424  1.00 0.00 ?  4 C A "H4'"  1 
ATOM 417 H "H3'"  . C B 1 4 ? 1.641   -2.413  -7.352  1.00 0.00 ?  4 C A "H3'"  1 
ATOM 418 H "H2'"  . C B 1 4 ? -0.861  -1.477  -7.422  1.00 0.00 ?  4 C A "H2'"  1 
ATOM 419 H "HO2'" . C B 1 4 ? -0.750  -1.682  -9.805  1.00 0.00 ?  4 C A "HO2'" 1 
ATOM 420 H "H1'"  . C B 1 4 ? -2.015  -3.640  -7.474  1.00 0.00 ?  4 C A "H1'"  1 
ATOM 421 H H41    . C B 1 4 ? -1.818  -2.496  -1.223  1.00 0.00 ?  4 C A H41    1 
ATOM 422 H H42    . C B 1 4 ? -0.309  -3.448  -1.152  1.00 0.00 ?  4 C A H42    1 
ATOM 423 H H5     . C B 1 4 ? 0.808   -4.261  -3.071  1.00 0.00 ?  4 C A H5     1 
ATOM 424 H H6     . C B 1 4 ? 0.839   -4.463  -5.341  1.00 0.00 ?  4 C A H6     1 
ATOM 425 P P      . A B 1 5 ? 2.562   -0.796  -9.236  1.00 0.00 ?  5 A A P      1 
ATOM 426 O OP1    . A B 1 5 ? 3.457   -0.961  -10.502 1.00 0.00 ?  5 A A OP1    1 
ATOM 427 O OP2    . A B 1 5 ? 3.419   -0.876  -7.964  1.00 0.00 -1 5 A A OP2    1 
ATOM 428 O "O5'"  . A B 1 5 ? 1.910   0.660   -9.211  1.00 0.00 ?  5 A A "O5'"  1 
ATOM 429 C "C5'"  . A B 1 5 ? 0.927   1.012   -10.197 1.00 0.00 ?  5 A A "C5'"  1 
ATOM 430 C "C4'"  . A B 1 5 ? -0.400  1.581   -9.621  1.00 0.00 ?  5 A A "C4'"  1 
ATOM 431 O "O4'"  . A B 1 5 ? -1.126  0.796   -8.688  1.00 0.00 ?  5 A A "O4'"  1 
ATOM 432 C "C3'"  . A B 1 5 ? -0.058  2.774   -8.757  1.00 0.00 ?  5 A A "C3'"  1 
ATOM 433 O "O3'"  . A B 1 5 ? 0.382   3.859   -9.551  1.00 0.00 ?  5 A A "O3'"  1 
ATOM 434 C "C2'"  . A B 1 5 ? -1.324  3.015   -7.981  1.00 0.00 ?  5 A A "C2'"  1 
ATOM 435 O "O2'"  . A B 1 5 ? -2.153  3.620   -8.919  1.00 0.00 ?  5 A A "O2'"  1 
ATOM 436 C "C1'"  . A B 1 5 ? -1.687  1.576   -7.621  1.00 0.00 ?  5 A A "C1'"  1 
ATOM 437 N N9     . A B 1 5 ? -0.957  1.128   -6.401  1.00 0.00 ?  5 A A N9     1 
ATOM 438 C C8     . A B 1 5 ? 0.139   0.398   -6.223  1.00 0.00 ?  5 A A C8     1 
ATOM 439 N N7     . A B 1 5 ? 0.420   0.172   -4.958  1.00 0.00 ?  5 A A N7     1 
ATOM 440 C C5     . A B 1 5 ? -0.504  0.828   -4.219  1.00 0.00 ?  5 A A C5     1 
ATOM 441 C C6     . A B 1 5 ? -0.739  1.001   -2.867  1.00 0.00 ?  5 A A C6     1 
ATOM 442 N N6     . A B 1 5 ? 0.060   0.510   -1.887  1.00 0.00 ?  5 A A N6     1 
ATOM 443 N N1     . A B 1 5 ? -1.787  1.706   -2.470  1.00 0.00 ?  5 A A N1     1 
ATOM 444 C C2     . A B 1 5 ? -2.551  2.252   -3.426  1.00 0.00 ?  5 A A C2     1 
ATOM 445 N N3     . A B 1 5 ? -2.388  2.134   -4.707  1.00 0.00 ?  5 A A N3     1 
ATOM 446 C C4     . A B 1 5 ? -1.375  1.402   -5.171  1.00 0.00 ?  5 A A C4     1 
ATOM 447 H "H5'"  . A B 1 5 ? 0.776   0.198   -10.907 1.00 0.00 ?  5 A A "H5'"  1 
ATOM 448 H "H5''" . A B 1 5 ? 1.426   1.796   -10.768 1.00 0.00 ?  5 A A "H5''" 1 
ATOM 449 H "H4'"  . A B 1 5 ? -1.139  1.809   -10.389 1.00 0.00 ?  5 A A "H4'"  1 
ATOM 450 H "H3'"  . A B 1 5 ? 0.749   2.560   -8.055  1.00 0.00 ?  5 A A "H3'"  1 
ATOM 451 H "H2'"  . A B 1 5 ? -1.158  3.576   -7.061  1.00 0.00 ?  5 A A "H2'"  1 
ATOM 452 H "HO2'" . A B 1 5 ? -3.014  3.661   -8.523  1.00 0.00 ?  5 A A "HO2'" 1 
ATOM 453 H "H1'"  . A B 1 5 ? -2.761  1.433   -7.501  1.00 0.00 ?  5 A A "H1'"  1 
ATOM 454 H H8     . A B 1 5 ? 0.677   -0.211  -6.936  1.00 0.00 ?  5 A A H8     1 
ATOM 455 H H61    . A B 1 5 ? -0.276  0.268   -0.977  1.00 0.00 ?  5 A A H61    1 
ATOM 456 H H62    . A B 1 5 ? 1.006   0.240   -2.071  1.00 0.00 ?  5 A A H62    1 
ATOM 457 H H2     . A B 1 5 ? -3.393  2.856   -3.123  1.00 0.00 ?  5 A A H2     1 
ATOM 458 P P      . G B 1 6 ? 1.198   4.923   -8.847  1.00 0.00 ?  6 G A P      1 
ATOM 459 O OP1    . G B 1 6 ? 1.591   5.989   -9.949  1.00 0.00 ?  6 G A OP1    1 
ATOM 460 O OP2    . G B 1 6 ? 2.453   4.256   -8.221  1.00 0.00 -1 6 G A OP2    1 
ATOM 461 O "O5'"  . G B 1 6 ? 0.383   5.781   -7.794  1.00 0.00 ?  6 G A "O5'"  1 
ATOM 462 C "C5'"  . G B 1 6 ? -0.690  6.590   -8.285  1.00 0.00 ?  6 G A "C5'"  1 
ATOM 463 C "C4'"  . G B 1 6 ? -1.343  7.244   -7.041  1.00 0.00 ?  6 G A "C4'"  1 
ATOM 464 O "O4'"  . G B 1 6 ? -1.890  6.234   -6.192  1.00 0.00 ?  6 G A "O4'"  1 
ATOM 465 C "C3'"  . G B 1 6 ? -0.425  7.999   -6.133  1.00 0.00 ?  6 G A "C3'"  1 
ATOM 466 O "O3'"  . G B 1 6 ? -0.148  9.284   -6.616  1.00 0.00 ?  6 G A "O3'"  1 
ATOM 467 C "C2'"  . G B 1 6 ? -1.190  8.044   -4.805  1.00 0.00 ?  6 G A "C2'"  1 
ATOM 468 O "O2'"  . G B 1 6 ? -2.128  9.128   -4.722  1.00 0.00 ?  6 G A "O2'"  1 
ATOM 469 C "C1'"  . G B 1 6 ? -1.839  6.594   -4.803  1.00 0.00 ?  6 G A "C1'"  1 
ATOM 470 N N9     . G B 1 6 ? -0.980  5.614   -4.165  1.00 0.00 ?  6 G A N9     1 
ATOM 471 C C8     . G B 1 6 ? -0.236  4.625   -4.563  1.00 0.00 ?  6 G A C8     1 
ATOM 472 N N7     . G B 1 6 ? 0.443   3.905   -3.591  1.00 0.00 ?  6 G A N7     1 
ATOM 473 C C5     . G B 1 6 ? 0.035   4.491   -2.472  1.00 0.00 ?  6 G A C5     1 
ATOM 474 C C6     . G B 1 6 ? 0.334   4.140   -1.134  1.00 0.00 ?  6 G A C6     1 
ATOM 475 O O6     . G B 1 6 ? 0.929   3.147   -0.756  1.00 0.00 ?  6 G A O6     1 
ATOM 476 N N1     . G B 1 6 ? -0.299  4.932   -0.157  1.00 0.00 ?  6 G A N1     1 
ATOM 477 C C2     . G B 1 6 ? -1.151  5.921   -0.446  1.00 0.00 ?  6 G A C2     1 
ATOM 478 N N2     . G B 1 6 ? -1.886  6.530   0.520   1.00 0.00 ?  6 G A N2     1 
ATOM 479 N N3     . G B 1 6 ? -1.450  6.232   -1.760  1.00 0.00 ?  6 G A N3     1 
ATOM 480 C C4     . G B 1 6 ? -0.850  5.516   -2.745  1.00 0.00 ?  6 G A C4     1 
ATOM 481 H "H5'"  . G B 1 6 ? -1.344  5.965   -8.893  1.00 0.00 ?  6 G A "H5'"  1 
ATOM 482 H "H5''" . G B 1 6 ? -0.233  7.341   -8.929  1.00 0.00 ?  6 G A "H5''" 1 
ATOM 483 H "H4'"  . G B 1 6 ? -2.158  7.908   -7.329  1.00 0.00 ?  6 G A "H4'"  1 
ATOM 484 H "H3'"  . G B 1 6 ? 0.486   7.415   -6.003  1.00 0.00 ?  6 G A "H3'"  1 
ATOM 485 H "H2'"  . G B 1 6 ? -0.451  8.176   -4.015  1.00 0.00 ?  6 G A "H2'"  1 
ATOM 486 H "HO2'" . G B 1 6 ? -2.511  9.221   -5.584  1.00 0.00 ?  6 G A "HO2'" 1 
ATOM 487 H "H1'"  . G B 1 6 ? -2.877  6.520   -4.476  1.00 0.00 ?  6 G A "H1'"  1 
ATOM 488 H H8     . G B 1 6 ? -0.244  4.396   -5.619  1.00 0.00 ?  6 G A H8     1 
ATOM 489 H H1     . G B 1 6 ? 0.240   5.168   0.627   1.00 0.00 ?  6 G A H1     1 
ATOM 490 H H21    . G B 1 6 ? -2.188  7.454   0.285   1.00 0.00 ?  6 G A H21    1 
ATOM 491 H H22    . G B 1 6 ? -2.045  6.089   1.403   1.00 0.00 ?  6 G A H22    1 
ATOM 492 P P      . C B 1 7 ? 1.179   10.043  -6.218  1.00 0.00 ?  7 C A P      1 
ATOM 493 O OP1    . C B 1 7 ? 1.280   11.311  -7.082  1.00 0.00 ?  7 C A OP1    1 
ATOM 494 O OP2    . C B 1 7 ? 2.346   9.092   -6.457  1.00 0.00 -1 7 C A OP2    1 
ATOM 495 O "O5'"  . C B 1 7 ? 1.107   10.503  -4.717  1.00 0.00 ?  7 C A "O5'"  1 
ATOM 496 C "C5'"  . C B 1 7 ? 0.154   11.456  -4.339  1.00 0.00 ?  7 C A "C5'"  1 
ATOM 497 C "C4'"  . C B 1 7 ? -0.033  11.472  -2.864  1.00 0.00 ?  7 C A "C4'"  1 
ATOM 498 O "O4'"  . C B 1 7 ? -0.483  10.276  -2.234  1.00 0.00 ?  7 C A "O4'"  1 
ATOM 499 C "C3'"  . C B 1 7 ? 1.298   11.783  -2.184  1.00 0.00 ?  7 C A "C3'"  1 
ATOM 500 O "O3'"  . C B 1 7 ? 1.609   13.186  -2.289  1.00 0.00 ?  7 C A "O3'"  1 
ATOM 501 C "C2'"  . C B 1 7 ? 0.984   11.403  -0.772  1.00 0.00 ?  7 C A "C2'"  1 
ATOM 502 O "O2'"  . C B 1 7 ? 0.130   12.267  -0.026  1.00 0.00 ?  7 C A "O2'"  1 
ATOM 503 C "C1'"  . C B 1 7 ? 0.270   10.083  -1.048  1.00 0.00 ?  7 C A "C1'"  1 
ATOM 504 N N1     . C B 1 7 ? 1.062   8.812   -1.088  1.00 0.00 ?  7 C A N1     1 
ATOM 505 C C2     . C B 1 7 ? 1.406   8.217   0.120   1.00 0.00 ?  7 C A C2     1 
ATOM 506 O O2     . C B 1 7 ? 1.109   8.711   1.212   1.00 0.00 ?  7 C A O2     1 
ATOM 507 N N3     . C B 1 7 ? 2.158   7.041   0.002   1.00 0.00 ?  7 C A N3     1 
ATOM 508 C C4     . C B 1 7 ? 2.487   6.517   -1.156  1.00 0.00 ?  7 C A C4     1 
ATOM 509 N N4     . C B 1 7 ? 3.208   5.403   -1.218  1.00 0.00 ?  7 C A N4     1 
ATOM 510 C C5     . C B 1 7 ? 2.141   7.064   -2.348  1.00 0.00 ?  7 C A C5     1 
ATOM 511 C C6     . C B 1 7 ? 1.437   8.246   -2.230  1.00 0.00 ?  7 C A C6     1 
ATOM 512 H "H5'"  . C B 1 7 ? -0.799  11.208  -4.806  1.00 0.00 ?  7 C A "H5'"  1 
ATOM 513 H "H5''" . C B 1 7 ? 0.389   12.423  -4.782  1.00 0.00 ?  7 C A "H5''" 1 
ATOM 514 H "H4'"  . C B 1 7 ? -0.796  12.235  -2.706  1.00 0.00 ?  7 C A "H4'"  1 
ATOM 515 H "H3'"  . C B 1 7 ? 2.045   11.145  -2.657  1.00 0.00 ?  7 C A "H3'"  1 
ATOM 516 H "H2'"  . C B 1 7 ? 1.826   11.093  -0.155  1.00 0.00 ?  7 C A "H2'"  1 
ATOM 517 H "HO2'" . C B 1 7 ? -0.188  12.959  -0.590  1.00 0.00 ?  7 C A "HO2'" 1 
ATOM 518 H "H1'"  . C B 1 7 ? -0.427  10.069  -0.211  1.00 0.00 ?  7 C A "H1'"  1 
ATOM 519 H H41    . C B 1 7 ? 3.669   5.037   -0.410  1.00 0.00 ?  7 C A H41    1 
ATOM 520 H H42    . C B 1 7 ? 3.296   4.866   -2.058  1.00 0.00 ?  7 C A H42    1 
ATOM 521 H H5     . C B 1 7 ? 2.360   6.657   -3.325  1.00 0.00 ?  7 C A H5     1 
ATOM 522 H H6     . C B 1 7 ? 1.307   8.757   -3.173  1.00 0.00 ?  7 C A H6     1 
ATOM 523 P P      . G B 1 8 ? 3.099   13.585  -2.200  1.00 0.00 ?  8 G A P      1 
ATOM 524 O OP1    . G B 1 8 ? 3.194   15.100  -2.577  1.00 0.00 ?  8 G A OP1    1 
ATOM 525 O OP2    . G B 1 8 ? 3.924   12.690  -3.156  1.00 0.00 -1 8 G A OP2    1 
ATOM 526 O "O5'"  . G B 1 8 ? 3.619   13.477  -0.741  1.00 0.00 ?  8 G A "O5'"  1 
ATOM 527 C "C5'"  . G B 1 8 ? 2.968   14.210  0.310   1.00 0.00 ?  8 G A "C5'"  1 
ATOM 528 C "C4'"  . G B 1 8 ? 3.333   13.679  1.714   1.00 0.00 ?  8 G A "C4'"  1 
ATOM 529 O "O4'"  . G B 1 8 ? 2.910   12.357  1.948   1.00 0.00 ?  8 G A "O4'"  1 
ATOM 530 C "C3'"  . G B 1 8 ? 4.811   13.578  1.932   1.00 0.00 ?  8 G A "C3'"  1 
ATOM 531 O "O3'"  . G B 1 8 ? 5.415   14.859  2.240   1.00 0.00 ?  8 G A "O3'"  1 
ATOM 532 C "C2'"  . G B 1 8 ? 4.918   12.518  3.030   1.00 0.00 ?  8 G A "C2'"  1 
ATOM 533 O "O2'"  . G B 1 8 ? 4.741   13.055  4.320   1.00 0.00 ?  8 G A "O2'"  1 
ATOM 534 C "C1'"  . G B 1 8 ? 3.822   11.516  2.600   1.00 0.00 ?  8 G A "C1'"  1 
ATOM 535 N N9     . G B 1 8 ? 4.389   10.487  1.750   1.00 0.00 ?  8 G A N9     1 
ATOM 536 C C8     . G B 1 8 ? 4.298   10.232  0.424   1.00 0.00 ?  8 G A C8     1 
ATOM 537 N N7     . G B 1 8 ? 4.808   9.085   -0.034  1.00 0.00 ?  8 G A N7     1 
ATOM 538 C C5     . G B 1 8 ? 5.254   8.500   1.109   1.00 0.00 ?  8 G A C5     1 
ATOM 539 C C6     . G B 1 8 ? 5.841   7.249   1.388   1.00 0.00 ?  8 G A C6     1 
ATOM 540 O O6     . G B 1 8 ? 5.997   6.360   0.582   1.00 0.00 ?  8 G A O6     1 
ATOM 541 N N1     . G B 1 8 ? 6.102   6.989   2.738   1.00 0.00 ?  8 G A N1     1 
ATOM 542 C C2     . G B 1 8 ? 5.883   7.900   3.712   1.00 0.00 ?  8 G A C2     1 
ATOM 543 N N2     . G B 1 8 ? 6.302   7.614   4.949   1.00 0.00 ?  8 G A N2     1 
ATOM 544 N N3     . G B 1 8 ? 5.350   9.059   3.515   1.00 0.00 ?  8 G A N3     1 
ATOM 545 C C4     . G B 1 8 ? 5.026   9.372   2.259   1.00 0.00 ?  8 G A C4     1 
ATOM 546 H "H5'"  . G B 1 8 ? 1.885   14.219  0.183   1.00 0.00 ?  8 G A "H5'"  1 
ATOM 547 H "H5''" . G B 1 8 ? 3.384   15.212  0.205   1.00 0.00 ?  8 G A "H5''" 1 
ATOM 548 H "H4'"  . G B 1 8 ? 2.795   14.323  2.410   1.00 0.00 ?  8 G A "H4'"  1 
ATOM 549 H "H3'"  . G B 1 8 ? 5.342   13.224  1.049   1.00 0.00 ?  8 G A "H3'"  1 
ATOM 550 H "H2'"  . G B 1 8 ? 5.970   12.240  2.980   1.00 0.00 ?  8 G A "H2'"  1 
ATOM 551 H "HO2'" . G B 1 8 ? 4.320   13.903  4.279   1.00 0.00 ?  8 G A "HO2'" 1 
ATOM 552 H "H1'"  . G B 1 8 ? 3.377   10.941  3.411   1.00 0.00 ?  8 G A "H1'"  1 
ATOM 553 H H8     . G B 1 8 ? 3.690   10.853  -0.217  1.00 0.00 ?  8 G A H8     1 
ATOM 554 H H1     . G B 1 8 ? 5.942   6.056   2.995   1.00 0.00 ?  8 G A H1     1 
ATOM 555 H H21    . G B 1 8 ? 6.457   8.297   5.663   1.00 0.00 ?  8 G A H21    1 
ATOM 556 H H22    . G B 1 8 ? 6.490   6.673   5.231   1.00 0.00 ?  8 G A H22    1 
ATOM 557 P P      . G B 1 9 ? 6.936   15.103  1.846   1.00 0.00 ?  9 G A P      1 
ATOM 558 O OP1    . G B 1 9 ? 7.179   16.634  2.019   1.00 0.00 ?  9 G A OP1    1 
ATOM 559 O OP2    . G B 1 9 ? 7.196   14.654  0.418   1.00 0.00 -1 9 G A OP2    1 
ATOM 560 O "O5'"  . G B 1 9 ? 7.836   14.313  2.853   1.00 0.00 ?  9 G A "O5'"  1 
ATOM 561 C "C5'"  . G B 1 9 ? 7.763   14.647  4.240   1.00 0.00 ?  9 G A "C5'"  1 
ATOM 562 C "C4'"  . G B 1 9 ? 8.440   13.507  4.991   1.00 0.00 ?  9 G A "C4'"  1 
ATOM 563 O "O4'"  . G B 1 9 ? 7.821   12.297  4.793   1.00 0.00 ?  9 G A "O4'"  1 
ATOM 564 C "C3'"  . G B 1 9 ? 9.922   13.284  4.634   1.00 0.00 ?  9 G A "C3'"  1 
ATOM 565 O "O3'"  . G B 1 9 ? 10.700  14.282  5.262   1.00 0.00 -1 9 G A "O3'"  1 
ATOM 566 C "C2'"  . G B 1 9 ? 10.146  11.893  5.190   1.00 0.00 ?  9 G A "C2'"  1 
ATOM 567 O "O2'"  . G B 1 9 ? 10.436  12.015  6.563   1.00 0.00 ?  9 G A "O2'"  1 
ATOM 568 C "C1'"  . G B 1 9 ? 8.779   11.261  4.911   1.00 0.00 ?  9 G A "C1'"  1 
ATOM 569 N N9     . G B 1 9 ? 8.731   10.576  3.578   1.00 0.00 ?  9 G A N9     1 
ATOM 570 C C8     . G B 1 9 ? 8.135   10.902  2.408   1.00 0.00 ?  9 G A C8     1 
ATOM 571 N N7     . G B 1 9 ? 8.293   10.008  1.475   1.00 0.00 ?  9 G A N7     1 
ATOM 572 C C5     . G B 1 9 ? 8.986   8.998   2.029   1.00 0.00 ?  9 G A C5     1 
ATOM 573 C C6     . G B 1 9 ? 9.390   7.703   1.578   1.00 0.00 ?  9 G A C6     1 
ATOM 574 O O6     . G B 1 9 ? 9.187   7.185   0.511   1.00 0.00 ?  9 G A O6     1 
ATOM 575 N N1     . G B 1 9 ? 10.052  6.958   2.481   1.00 0.00 ?  9 G A N1     1 
ATOM 576 C C2     . G B 1 9 ? 10.319  7.367   3.713   1.00 0.00 ?  9 G A C2     1 
ATOM 577 N N2     . G B 1 9 ? 10.949  6.517   4.577   1.00 0.00 ?  9 G A N2     1 
ATOM 578 N N3     . G B 1 9 ? 9.940   8.558   4.200   1.00 0.00 ?  9 G A N3     1 
ATOM 579 C C4     . G B 1 9 ? 9.232   9.317   3.355   1.00 0.00 ?  9 G A C4     1 
ATOM 580 H "H5'"  . G B 1 9 ? 6.713   14.732  4.521   1.00 0.00 ?  9 G A "H5'"  1 
ATOM 581 H "H5''" . G B 1 9 ? 8.239   15.623  4.317   1.00 0.00 ?  9 G A "H5''" 1 
ATOM 582 H "H4'"  . G B 1 9 ? 8.326   13.774  6.041   1.00 0.00 ?  9 G A "H4'"  1 
ATOM 583 H "H3'"  . G B 1 9 ? 9.993   13.321  3.546   1.00 0.00 ?  9 G A "H3'"  1 
ATOM 584 H "H2'"  . G B 1 9 ? 10.914  11.296  4.698   1.00 0.00 ?  9 G A "H2'"  1 
ATOM 585 H "HO2'" . G B 1 9 ? 11.304  12.365  6.721   1.00 0.00 ?  9 G A "HO2'" 1 
ATOM 586 H "H1'"  . G B 1 9 ? 8.410   10.579  5.678   1.00 0.00 ?  9 G A "H1'"  1 
ATOM 587 H H8     . G B 1 9 ? 7.842   11.941  2.364   1.00 0.00 ?  9 G A H8     1 
ATOM 588 H H1     . G B 1 9 ? 10.334  6.067   2.188   1.00 0.00 ?  9 G A H1     1 
ATOM 589 H H21    . G B 1 9 ? 11.244  6.839   5.477   1.00 0.00 ?  9 G A H21    1 
ATOM 590 H H22    . G B 1 9 ? 11.047  5.550   4.345   1.00 0.00 ?  9 G A H22    1 
# 
